data_7LVN
#
_entry.id   7LVN
#
_entity_poly.entity_id   1
_entity_poly.type   'polypeptide(L)'
_entity_poly.pdbx_seq_one_letter_code
;GDCHKFLGWCRGEPDPCCEHLSCSRKHGWCVWDWTV(NH2)
;
_entity_poly.pdbx_strand_id   A
#
# COMPACT_ATOMS: atom_id res chain seq x y z
N GLY A 1 -3.10 -3.38 -14.83
CA GLY A 1 -2.31 -2.51 -13.97
C GLY A 1 -3.12 -1.94 -12.82
N ASP A 2 -3.87 -2.80 -12.15
CA ASP A 2 -4.69 -2.38 -11.02
C ASP A 2 -3.82 -2.03 -9.81
N CYS A 3 -4.14 -0.91 -9.18
CA CYS A 3 -3.38 -0.46 -8.01
C CYS A 3 -3.76 -1.27 -6.78
N HIS A 4 -2.95 -1.15 -5.73
CA HIS A 4 -3.21 -1.87 -4.49
C HIS A 4 -3.85 -0.95 -3.44
N LYS A 5 -5.06 -1.28 -3.05
CA LYS A 5 -5.79 -0.48 -2.05
C LYS A 5 -5.32 -0.82 -0.65
N PHE A 6 -6.05 -0.32 0.35
CA PHE A 6 -5.70 -0.57 1.75
C PHE A 6 -5.53 -2.07 2.00
N LEU A 7 -4.54 -2.40 2.83
CA LEU A 7 -4.27 -3.79 3.16
C LEU A 7 -3.91 -4.59 1.91
N GLY A 8 -3.22 -3.94 0.97
CA GLY A 8 -2.84 -4.61 -0.26
C GLY A 8 -1.33 -4.72 -0.41
N TRP A 9 -0.87 -5.86 -0.91
CA TRP A 9 0.55 -6.10 -1.10
C TRP A 9 1.19 -4.97 -1.90
N CYS A 10 2.44 -4.65 -1.57
CA CYS A 10 3.15 -3.58 -2.27
C CYS A 10 4.62 -3.96 -2.48
N ARG A 11 5.23 -4.56 -1.46
CA ARG A 11 6.62 -4.97 -1.53
C ARG A 11 6.87 -5.83 -2.77
N GLY A 12 7.61 -5.29 -3.72
CA GLY A 12 7.91 -6.02 -4.94
C GLY A 12 6.96 -5.68 -6.07
N GLU A 13 5.73 -5.29 -5.71
CA GLU A 13 4.73 -4.94 -6.71
C GLU A 13 5.29 -3.94 -7.72
N PRO A 14 4.71 -3.94 -8.93
CA PRO A 14 5.14 -3.04 -10.01
C PRO A 14 4.78 -1.59 -9.72
N ASP A 15 3.53 -1.36 -9.35
CA ASP A 15 3.05 -0.01 -9.05
C ASP A 15 2.81 0.16 -7.54
N PRO A 16 2.91 1.41 -7.07
CA PRO A 16 2.70 1.74 -5.65
C PRO A 16 1.26 1.57 -5.23
N CYS A 17 0.94 2.06 -4.03
CA CYS A 17 -0.42 1.98 -3.50
C CYS A 17 -1.42 2.66 -4.44
N CYS A 18 -2.68 2.62 -4.06
CA CYS A 18 -3.73 3.23 -4.87
C CYS A 18 -3.75 4.75 -4.69
N GLU A 19 -4.24 5.20 -3.54
CA GLU A 19 -4.30 6.62 -3.25
C GLU A 19 -4.39 6.87 -1.75
N HIS A 20 -3.73 7.93 -1.28
CA HIS A 20 -3.73 8.27 0.13
C HIS A 20 -3.30 7.08 0.98
N LEU A 21 -2.39 6.28 0.45
CA LEU A 21 -1.90 5.09 1.16
C LEU A 21 -0.37 5.02 1.10
N SER A 22 0.22 4.38 2.11
CA SER A 22 1.67 4.25 2.18
C SER A 22 2.06 2.80 2.41
N CYS A 23 2.87 2.26 1.51
CA CYS A 23 3.33 0.87 1.62
C CYS A 23 4.00 0.62 2.97
N SER A 24 3.34 -0.16 3.82
CA SER A 24 3.87 -0.47 5.13
C SER A 24 4.68 -1.77 5.10
N ARG A 25 5.96 -1.68 5.46
CA ARG A 25 6.84 -2.83 5.47
C ARG A 25 6.60 -3.68 6.72
N LYS A 26 6.28 -3.02 7.82
CA LYS A 26 6.03 -3.71 9.08
C LYS A 26 4.91 -4.73 8.92
N HIS A 27 3.85 -4.35 8.22
CA HIS A 27 2.72 -5.22 7.99
C HIS A 27 2.85 -5.95 6.66
N GLY A 28 3.54 -5.32 5.71
CA GLY A 28 3.73 -5.92 4.40
C GLY A 28 2.65 -5.51 3.42
N TRP A 29 2.02 -4.37 3.68
CA TRP A 29 0.96 -3.87 2.80
C TRP A 29 0.73 -2.38 3.03
N CYS A 30 0.04 -1.74 2.11
CA CYS A 30 -0.25 -0.31 2.20
C CYS A 30 -1.25 -0.04 3.32
N VAL A 31 -1.11 1.11 3.96
CA VAL A 31 -2.01 1.49 5.06
C VAL A 31 -2.54 2.90 4.86
N TRP A 32 -3.56 3.26 5.63
CA TRP A 32 -4.16 4.59 5.54
C TRP A 32 -3.15 5.67 5.92
N ASP A 33 -3.17 6.77 5.18
CA ASP A 33 -2.26 7.88 5.44
C ASP A 33 -2.59 8.56 6.76
N TRP A 34 -3.80 9.11 6.86
CA TRP A 34 -4.24 9.78 8.08
C TRP A 34 -4.05 8.88 9.30
N THR A 35 -4.27 7.59 9.10
CA THR A 35 -4.12 6.63 10.19
C THR A 35 -2.69 6.59 10.70
N VAL A 36 -1.81 5.97 9.92
CA VAL A 36 -0.40 5.86 10.28
C VAL A 36 0.18 7.23 10.65
N GLY A 1 -2.85 -4.31 -14.76
CA GLY A 1 -2.73 -4.47 -13.32
C GLY A 1 -3.30 -3.29 -12.54
N ASP A 2 -4.30 -3.57 -11.71
CA ASP A 2 -4.93 -2.53 -10.91
C ASP A 2 -4.10 -2.20 -9.67
N CYS A 3 -4.15 -0.96 -9.24
CA CYS A 3 -3.40 -0.51 -8.06
C CYS A 3 -3.79 -1.33 -6.83
N HIS A 4 -3.01 -1.21 -5.77
CA HIS A 4 -3.28 -1.93 -4.53
C HIS A 4 -3.92 -1.02 -3.50
N LYS A 5 -5.16 -1.34 -3.11
CA LYS A 5 -5.88 -0.55 -2.14
C LYS A 5 -5.42 -0.87 -0.72
N PHE A 6 -6.14 -0.35 0.27
CA PHE A 6 -5.79 -0.58 1.67
C PHE A 6 -5.60 -2.06 1.94
N LEU A 7 -4.63 -2.39 2.79
CA LEU A 7 -4.34 -3.77 3.13
C LEU A 7 -3.99 -4.58 1.90
N GLY A 8 -3.26 -3.96 0.98
CA GLY A 8 -2.86 -4.64 -0.25
C GLY A 8 -1.36 -4.75 -0.39
N TRP A 9 -0.89 -5.89 -0.88
CA TRP A 9 0.54 -6.12 -1.07
C TRP A 9 1.17 -4.98 -1.86
N CYS A 10 2.42 -4.66 -1.54
CA CYS A 10 3.14 -3.60 -2.22
C CYS A 10 4.60 -3.97 -2.44
N ARG A 11 5.21 -4.57 -1.43
CA ARG A 11 6.61 -4.99 -1.51
C ARG A 11 6.84 -5.85 -2.74
N GLY A 12 7.59 -5.31 -3.70
CA GLY A 12 7.88 -6.05 -4.92
C GLY A 12 6.96 -5.68 -6.05
N GLU A 13 5.74 -5.26 -5.72
CA GLU A 13 4.76 -4.87 -6.72
C GLU A 13 5.35 -3.88 -7.71
N PRO A 14 4.79 -3.85 -8.93
CA PRO A 14 5.25 -2.94 -9.99
C PRO A 14 4.92 -1.49 -9.70
N ASP A 15 3.66 -1.24 -9.34
CA ASP A 15 3.20 0.11 -9.04
C ASP A 15 2.93 0.26 -7.55
N PRO A 16 2.95 1.52 -7.06
CA PRO A 16 2.70 1.83 -5.65
C PRO A 16 1.24 1.59 -5.25
N CYS A 17 0.87 2.08 -4.07
CA CYS A 17 -0.49 1.93 -3.58
C CYS A 17 -1.49 2.58 -4.52
N CYS A 18 -2.75 2.61 -4.10
CA CYS A 18 -3.81 3.20 -4.91
C CYS A 18 -3.85 4.71 -4.74
N GLU A 19 -4.35 5.16 -3.59
CA GLU A 19 -4.45 6.58 -3.30
C GLU A 19 -4.49 6.83 -1.80
N HIS A 20 -3.81 7.88 -1.35
CA HIS A 20 -3.77 8.23 0.06
C HIS A 20 -3.33 7.03 0.90
N LEU A 21 -2.43 6.22 0.35
CA LEU A 21 -1.93 5.05 1.04
C LEU A 21 -0.41 4.97 0.94
N SER A 22 0.23 4.39 1.95
CA SER A 22 1.67 4.25 1.97
C SER A 22 2.08 2.81 2.26
N CYS A 23 2.86 2.22 1.36
CA CYS A 23 3.32 0.84 1.52
C CYS A 23 3.96 0.65 2.89
N SER A 24 3.29 -0.12 3.74
CA SER A 24 3.79 -0.40 5.08
C SER A 24 4.63 -1.67 5.09
N ARG A 25 5.87 -1.55 5.55
CA ARG A 25 6.78 -2.69 5.62
C ARG A 25 6.53 -3.51 6.88
N LYS A 26 6.17 -2.83 7.95
CA LYS A 26 5.90 -3.49 9.23
C LYS A 26 4.77 -4.51 9.08
N HIS A 27 3.79 -4.18 8.24
CA HIS A 27 2.66 -5.07 8.01
C HIS A 27 2.81 -5.81 6.70
N GLY A 28 3.52 -5.20 5.75
CA GLY A 28 3.72 -5.82 4.45
C GLY A 28 2.64 -5.46 3.46
N TRP A 29 1.98 -4.33 3.69
CA TRP A 29 0.92 -3.87 2.81
C TRP A 29 0.64 -2.38 3.00
N CYS A 30 0.00 -1.76 2.02
CA CYS A 30 -0.32 -0.34 2.09
C CYS A 30 -1.30 -0.06 3.21
N VAL A 31 -1.13 1.09 3.88
CA VAL A 31 -2.00 1.48 4.97
C VAL A 31 -2.40 2.94 4.87
N TRP A 32 -3.51 3.30 5.49
CA TRP A 32 -3.99 4.68 5.47
C TRP A 32 -2.93 5.64 5.99
N ASP A 33 -2.77 6.76 5.30
CA ASP A 33 -1.79 7.76 5.69
C ASP A 33 -2.16 8.40 7.02
N TRP A 34 -3.42 8.80 7.15
CA TRP A 34 -3.90 9.44 8.38
C TRP A 34 -3.84 8.46 9.55
N THR A 35 -4.10 7.19 9.27
CA THR A 35 -4.07 6.16 10.30
C THR A 35 -2.64 5.78 10.66
N VAL A 36 -1.76 5.77 9.66
CA VAL A 36 -0.36 5.43 9.87
C VAL A 36 -0.22 3.99 10.35
N GLY A 1 -2.81 -2.67 -15.10
CA GLY A 1 -2.60 -3.14 -13.75
C GLY A 1 -3.35 -2.31 -12.72
N ASP A 2 -4.18 -2.98 -11.91
CA ASP A 2 -4.96 -2.30 -10.89
C ASP A 2 -4.10 -2.01 -9.66
N CYS A 3 -4.20 -0.78 -9.14
CA CYS A 3 -3.44 -0.38 -7.98
C CYS A 3 -3.81 -1.22 -6.76
N HIS A 4 -3.02 -1.11 -5.71
CA HIS A 4 -3.25 -1.86 -4.48
C HIS A 4 -3.92 -0.98 -3.42
N LYS A 5 -5.15 -1.34 -3.04
CA LYS A 5 -5.89 -0.59 -2.04
C LYS A 5 -5.40 -0.91 -0.64
N PHE A 6 -6.09 -0.37 0.36
CA PHE A 6 -5.72 -0.60 1.75
C PHE A 6 -5.55 -2.10 2.03
N LEU A 7 -4.55 -2.43 2.84
CA LEU A 7 -4.28 -3.81 3.19
C LEU A 7 -3.94 -4.63 1.94
N GLY A 8 -3.19 -4.02 1.02
CA GLY A 8 -2.81 -4.70 -0.20
C GLY A 8 -1.31 -4.80 -0.36
N TRP A 9 -0.85 -5.95 -0.87
CA TRP A 9 0.58 -6.17 -1.08
C TRP A 9 1.20 -5.02 -1.87
N CYS A 10 2.45 -4.69 -1.56
CA CYS A 10 3.15 -3.61 -2.24
C CYS A 10 4.62 -3.98 -2.47
N ARG A 11 5.23 -4.59 -1.46
CA ARG A 11 6.63 -4.99 -1.55
C ARG A 11 6.88 -5.84 -2.79
N GLY A 12 7.61 -5.28 -3.75
CA GLY A 12 7.90 -6.00 -4.97
C GLY A 12 6.95 -5.62 -6.11
N GLU A 13 5.74 -5.22 -5.75
CA GLU A 13 4.74 -4.84 -6.74
C GLU A 13 5.33 -3.83 -7.74
N PRO A 14 4.76 -3.80 -8.95
CA PRO A 14 5.19 -2.89 -10.01
C PRO A 14 4.86 -1.43 -9.70
N ASP A 15 3.60 -1.19 -9.33
CA ASP A 15 3.16 0.16 -9.01
C ASP A 15 2.91 0.30 -7.51
N PRO A 16 2.94 1.56 -7.03
CA PRO A 16 2.72 1.86 -5.62
C PRO A 16 1.27 1.62 -5.19
N CYS A 17 0.92 2.11 -4.01
CA CYS A 17 -0.43 1.96 -3.48
C CYS A 17 -1.45 2.61 -4.41
N CYS A 18 -2.71 2.65 -3.98
CA CYS A 18 -3.78 3.24 -4.77
C CYS A 18 -3.82 4.75 -4.58
N GLU A 19 -4.29 5.20 -3.43
CA GLU A 19 -4.38 6.62 -3.12
C GLU A 19 -4.48 6.86 -1.62
N HIS A 20 -3.75 7.86 -1.14
CA HIS A 20 -3.76 8.19 0.28
C HIS A 20 -3.32 7.00 1.12
N LEU A 21 -2.40 6.20 0.57
CA LEU A 21 -1.90 5.02 1.27
C LEU A 21 -0.37 4.96 1.17
N SER A 22 0.24 4.32 2.16
CA SER A 22 1.70 4.18 2.18
C SER A 22 2.10 2.72 2.41
N CYS A 23 2.90 2.19 1.49
CA CYS A 23 3.36 0.81 1.60
C CYS A 23 4.03 0.56 2.94
N SER A 24 3.38 -0.24 3.78
CA SER A 24 3.93 -0.56 5.10
C SER A 24 4.71 -1.87 5.07
N ARG A 25 5.98 -1.79 5.43
CA ARG A 25 6.84 -2.98 5.44
C ARG A 25 6.61 -3.81 6.70
N LYS A 26 6.34 -3.13 7.81
CA LYS A 26 6.10 -3.80 9.07
C LYS A 26 4.93 -4.78 8.96
N HIS A 27 3.92 -4.41 8.17
CA HIS A 27 2.76 -5.25 7.98
C HIS A 27 2.83 -5.99 6.65
N GLY A 28 3.55 -5.40 5.69
CA GLY A 28 3.68 -6.02 4.38
C GLY A 28 2.60 -5.61 3.41
N TRP A 29 2.00 -4.45 3.67
CA TRP A 29 0.93 -3.94 2.82
C TRP A 29 0.73 -2.44 3.04
N CYS A 30 0.03 -1.80 2.10
CA CYS A 30 -0.23 -0.37 2.19
C CYS A 30 -1.22 -0.06 3.31
N VAL A 31 -1.04 1.08 3.96
CA VAL A 31 -1.92 1.49 5.04
C VAL A 31 -2.37 2.94 4.88
N TRP A 32 -3.49 3.28 5.51
CA TRP A 32 -4.02 4.63 5.42
C TRP A 32 -2.95 5.67 5.77
N ASP A 33 -3.06 6.85 5.19
CA ASP A 33 -2.10 7.92 5.44
C ASP A 33 -2.56 8.80 6.59
N TRP A 34 -3.83 9.23 6.54
CA TRP A 34 -4.38 10.08 7.59
C TRP A 34 -4.39 9.35 8.93
N THR A 35 -4.55 8.03 8.88
CA THR A 35 -4.59 7.22 10.09
C THR A 35 -3.40 7.53 10.99
N VAL A 36 -2.27 7.90 10.39
CA VAL A 36 -1.07 8.22 11.14
C VAL A 36 -0.62 9.65 10.87
N GLY A 1 -1.70 -3.89 -14.42
CA GLY A 1 -2.52 -4.32 -13.29
C GLY A 1 -3.04 -3.17 -12.47
N ASP A 2 -4.22 -3.34 -11.88
CA ASP A 2 -4.82 -2.30 -11.06
C ASP A 2 -3.95 -1.99 -9.85
N CYS A 3 -4.20 -0.84 -9.23
CA CYS A 3 -3.44 -0.41 -8.05
C CYS A 3 -3.81 -1.25 -6.84
N HIS A 4 -3.00 -1.15 -5.79
CA HIS A 4 -3.25 -1.89 -4.55
C HIS A 4 -3.88 -1.00 -3.50
N LYS A 5 -5.11 -1.34 -3.10
CA LYS A 5 -5.83 -0.56 -2.09
C LYS A 5 -5.35 -0.92 -0.69
N PHE A 6 -6.07 -0.44 0.31
CA PHE A 6 -5.72 -0.70 1.71
C PHE A 6 -5.53 -2.20 1.94
N LEU A 7 -4.56 -2.53 2.78
CA LEU A 7 -4.27 -3.93 3.09
C LEU A 7 -3.89 -4.70 1.83
N GLY A 8 -3.20 -4.02 0.91
CA GLY A 8 -2.80 -4.66 -0.33
C GLY A 8 -1.29 -4.75 -0.46
N TRP A 9 -0.81 -5.89 -0.96
CA TRP A 9 0.62 -6.11 -1.14
C TRP A 9 1.24 -4.95 -1.92
N CYS A 10 2.49 -4.62 -1.59
CA CYS A 10 3.20 -3.54 -2.25
C CYS A 10 4.67 -3.90 -2.46
N ARG A 11 5.27 -4.51 -1.43
CA ARG A 11 6.67 -4.90 -1.50
C ARG A 11 6.95 -5.75 -2.73
N GLY A 12 7.69 -5.19 -3.68
CA GLY A 12 8.02 -5.91 -4.90
C GLY A 12 7.04 -5.60 -6.02
N GLU A 13 5.82 -5.24 -5.67
CA GLU A 13 4.80 -4.92 -6.65
C GLU A 13 5.33 -3.93 -7.69
N PRO A 14 4.73 -3.96 -8.89
CA PRO A 14 5.13 -3.06 -9.99
C PRO A 14 4.74 -1.61 -9.71
N ASP A 15 3.49 -1.39 -9.32
CA ASP A 15 3.01 -0.05 -9.03
C ASP A 15 2.78 0.14 -7.53
N PRO A 16 2.86 1.39 -7.06
CA PRO A 16 2.66 1.72 -5.65
C PRO A 16 1.21 1.55 -5.20
N CYS A 17 0.90 2.06 -4.02
CA CYS A 17 -0.45 1.96 -3.48
C CYS A 17 -1.46 2.63 -4.42
N CYS A 18 -2.73 2.61 -4.02
CA CYS A 18 -3.79 3.21 -4.82
C CYS A 18 -3.82 4.73 -4.65
N GLU A 19 -4.23 5.17 -3.46
CA GLU A 19 -4.31 6.59 -3.16
C GLU A 19 -4.48 6.83 -1.66
N HIS A 20 -3.81 7.85 -1.15
CA HIS A 20 -3.89 8.18 0.27
C HIS A 20 -3.43 7.01 1.13
N LEU A 21 -2.48 6.24 0.60
CA LEU A 21 -1.95 5.09 1.32
C LEU A 21 -0.42 5.06 1.25
N SER A 22 0.19 4.35 2.19
CA SER A 22 1.64 4.24 2.24
C SER A 22 2.08 2.80 2.48
N CYS A 23 2.83 2.26 1.53
CA CYS A 23 3.31 0.88 1.63
C CYS A 23 4.01 0.65 2.97
N SER A 24 3.38 -0.15 3.83
CA SER A 24 3.94 -0.45 5.13
C SER A 24 4.69 -1.79 5.12
N ARG A 25 5.98 -1.73 5.45
CA ARG A 25 6.81 -2.93 5.47
C ARG A 25 6.54 -3.76 6.71
N LYS A 26 6.25 -3.08 7.81
CA LYS A 26 5.96 -3.77 9.08
C LYS A 26 4.81 -4.74 8.92
N HIS A 27 3.77 -4.34 8.19
CA HIS A 27 2.62 -5.19 7.96
C HIS A 27 2.74 -5.93 6.64
N GLY A 28 3.46 -5.33 5.70
CA GLY A 28 3.64 -5.96 4.39
C GLY A 28 2.59 -5.54 3.40
N TRP A 29 1.97 -4.39 3.64
CA TRP A 29 0.93 -3.89 2.76
C TRP A 29 0.71 -2.39 2.96
N CYS A 30 -0.02 -1.76 2.05
CA CYS A 30 -0.30 -0.34 2.13
C CYS A 30 -1.30 -0.04 3.25
N VAL A 31 -1.09 1.08 3.93
CA VAL A 31 -1.97 1.48 5.02
C VAL A 31 -2.38 2.95 4.89
N TRP A 32 -3.47 3.31 5.54
CA TRP A 32 -3.97 4.68 5.50
C TRP A 32 -2.86 5.67 5.86
N ASP A 33 -2.94 6.87 5.30
CA ASP A 33 -1.94 7.91 5.56
C ASP A 33 -2.36 8.76 6.76
N TRP A 34 -3.63 9.15 6.79
CA TRP A 34 -4.16 9.98 7.88
C TRP A 34 -4.12 9.21 9.19
N THR A 35 -4.30 7.90 9.13
CA THR A 35 -4.29 7.07 10.32
C THR A 35 -3.04 7.33 11.17
N VAL A 36 -1.95 7.66 10.50
CA VAL A 36 -0.69 7.94 11.19
C VAL A 36 -0.28 6.76 12.08
N GLY A 1 -4.28 -5.33 -14.19
CA GLY A 1 -3.35 -4.92 -13.17
C GLY A 1 -3.74 -3.61 -12.50
N ASP A 2 -4.69 -3.69 -11.57
CA ASP A 2 -5.16 -2.50 -10.86
C ASP A 2 -4.25 -2.18 -9.68
N CYS A 3 -4.34 -0.96 -9.18
CA CYS A 3 -3.53 -0.52 -8.05
C CYS A 3 -3.88 -1.32 -6.80
N HIS A 4 -3.04 -1.19 -5.77
CA HIS A 4 -3.27 -1.89 -4.51
C HIS A 4 -3.92 -0.99 -3.48
N LYS A 5 -5.13 -1.34 -3.07
CA LYS A 5 -5.87 -0.55 -2.09
C LYS A 5 -5.39 -0.88 -0.67
N PHE A 6 -6.13 -0.37 0.32
CA PHE A 6 -5.79 -0.61 1.72
C PHE A 6 -5.57 -2.10 1.99
N LEU A 7 -4.56 -2.42 2.79
CA LEU A 7 -4.26 -3.79 3.13
C LEU A 7 -3.90 -4.59 1.89
N GLY A 8 -3.25 -3.93 0.93
CA GLY A 8 -2.86 -4.60 -0.30
C GLY A 8 -1.37 -4.75 -0.44
N TRP A 9 -0.92 -5.92 -0.89
CA TRP A 9 0.50 -6.18 -1.07
C TRP A 9 1.16 -5.09 -1.91
N CYS A 10 2.38 -4.73 -1.55
CA CYS A 10 3.12 -3.69 -2.27
C CYS A 10 4.57 -4.11 -2.49
N ARG A 11 5.14 -4.78 -1.48
CA ARG A 11 6.52 -5.24 -1.56
C ARG A 11 6.77 -6.02 -2.85
N GLY A 12 7.58 -5.46 -3.73
CA GLY A 12 7.88 -6.12 -4.99
C GLY A 12 6.97 -5.67 -6.11
N GLU A 13 5.75 -5.29 -5.75
CA GLU A 13 4.77 -4.85 -6.75
C GLU A 13 5.38 -3.82 -7.69
N PRO A 14 4.84 -3.76 -8.92
CA PRO A 14 5.32 -2.82 -9.94
C PRO A 14 4.99 -1.38 -9.62
N ASP A 15 3.72 -1.13 -9.28
CA ASP A 15 3.27 0.21 -8.93
C ASP A 15 2.98 0.33 -7.44
N PRO A 16 2.99 1.56 -6.92
CA PRO A 16 2.73 1.83 -5.51
C PRO A 16 1.27 1.60 -5.13
N CYS A 17 0.89 2.07 -3.95
CA CYS A 17 -0.48 1.91 -3.47
C CYS A 17 -1.47 2.56 -4.43
N CYS A 18 -2.74 2.58 -4.05
CA CYS A 18 -3.79 3.16 -4.86
C CYS A 18 -3.80 4.69 -4.73
N GLU A 19 -4.30 5.16 -3.60
CA GLU A 19 -4.37 6.60 -3.34
C GLU A 19 -4.42 6.88 -1.84
N HIS A 20 -3.72 7.92 -1.42
CA HIS A 20 -3.69 8.30 0.00
C HIS A 20 -3.25 7.12 0.86
N LEU A 21 -2.38 6.28 0.32
CA LEU A 21 -1.88 5.12 1.04
C LEU A 21 -0.37 5.00 0.92
N SER A 22 0.27 4.44 1.94
CA SER A 22 1.71 4.28 1.96
C SER A 22 2.09 2.82 2.23
N CYS A 23 2.94 2.27 1.37
CA CYS A 23 3.38 0.89 1.51
C CYS A 23 4.04 0.66 2.86
N SER A 24 3.37 -0.10 3.73
CA SER A 24 3.90 -0.38 5.06
C SER A 24 4.68 -1.67 5.06
N ARG A 25 5.96 -1.59 5.45
CA ARG A 25 6.83 -2.76 5.49
C ARG A 25 6.58 -3.57 6.75
N LYS A 26 6.27 -2.87 7.85
CA LYS A 26 6.01 -3.52 9.12
C LYS A 26 4.90 -4.56 8.99
N HIS A 27 3.86 -4.20 8.25
CA HIS A 27 2.73 -5.11 8.04
C HIS A 27 2.87 -5.84 6.70
N GLY A 28 3.54 -5.22 5.75
CA GLY A 28 3.72 -5.82 4.45
C GLY A 28 2.62 -5.43 3.47
N TRP A 29 1.96 -4.31 3.73
CA TRP A 29 0.88 -3.84 2.87
C TRP A 29 0.62 -2.35 3.09
N CYS A 30 -0.07 -1.73 2.15
CA CYS A 30 -0.38 -0.30 2.23
C CYS A 30 -1.37 -0.04 3.37
N VAL A 31 -1.24 1.12 4.01
CA VAL A 31 -2.11 1.50 5.11
C VAL A 31 -2.56 2.95 4.98
N TRP A 32 -3.70 3.27 5.57
CA TRP A 32 -4.24 4.63 5.53
C TRP A 32 -3.19 5.63 6.00
N ASP A 33 -2.97 6.67 5.19
CA ASP A 33 -2.00 7.70 5.52
C ASP A 33 -2.32 8.33 6.88
N TRP A 34 -3.48 8.99 6.96
CA TRP A 34 -3.90 9.64 8.20
C TRP A 34 -3.83 8.67 9.37
N THR A 35 -4.08 7.39 9.10
CA THR A 35 -4.06 6.38 10.14
C THR A 35 -2.65 5.83 10.34
N VAL A 36 -1.69 6.74 10.54
CA VAL A 36 -0.31 6.36 10.75
C VAL A 36 0.31 7.14 11.91
N GLY A 1 -3.81 -5.27 -13.90
CA GLY A 1 -3.08 -5.08 -12.67
C GLY A 1 -3.40 -3.76 -12.01
N ASP A 2 -4.62 -3.64 -11.50
CA ASP A 2 -5.06 -2.41 -10.83
C ASP A 2 -4.16 -2.10 -9.63
N CYS A 3 -4.29 -0.88 -9.11
CA CYS A 3 -3.49 -0.45 -7.97
C CYS A 3 -3.85 -1.27 -6.73
N HIS A 4 -3.03 -1.14 -5.69
CA HIS A 4 -3.26 -1.85 -4.44
C HIS A 4 -3.87 -0.93 -3.39
N LYS A 5 -5.09 -1.25 -2.96
CA LYS A 5 -5.79 -0.46 -1.96
C LYS A 5 -5.31 -0.80 -0.56
N PHE A 6 -6.00 -0.28 0.45
CA PHE A 6 -5.65 -0.54 1.83
C PHE A 6 -5.49 -2.03 2.10
N LEU A 7 -4.51 -2.38 2.92
CA LEU A 7 -4.25 -3.78 3.24
C LEU A 7 -3.92 -4.58 1.99
N GLY A 8 -3.23 -3.95 1.06
CA GLY A 8 -2.86 -4.62 -0.17
C GLY A 8 -1.35 -4.73 -0.34
N TRP A 9 -0.90 -5.88 -0.84
CA TRP A 9 0.52 -6.12 -1.06
C TRP A 9 1.15 -4.98 -1.85
N CYS A 10 2.41 -4.68 -1.54
CA CYS A 10 3.13 -3.61 -2.23
C CYS A 10 4.58 -4.00 -2.46
N ARG A 11 5.19 -4.62 -1.45
CA ARG A 11 6.58 -5.04 -1.55
C ARG A 11 6.82 -5.89 -2.78
N GLY A 12 7.55 -5.35 -3.75
CA GLY A 12 7.83 -6.08 -4.97
C GLY A 12 6.89 -5.69 -6.10
N GLU A 13 5.67 -5.28 -5.74
CA GLU A 13 4.69 -4.88 -6.73
C GLU A 13 5.28 -3.89 -7.73
N PRO A 14 4.71 -3.85 -8.94
CA PRO A 14 5.16 -2.96 -10.01
C PRO A 14 4.84 -1.49 -9.71
N ASP A 15 3.60 -1.23 -9.34
CA ASP A 15 3.16 0.13 -9.02
C ASP A 15 2.91 0.28 -7.53
N PRO A 16 2.95 1.53 -7.04
CA PRO A 16 2.73 1.84 -5.63
C PRO A 16 1.28 1.63 -5.20
N CYS A 17 0.94 2.12 -4.02
CA CYS A 17 -0.42 1.98 -3.49
C CYS A 17 -1.43 2.63 -4.43
N CYS A 18 -2.69 2.66 -4.00
CA CYS A 18 -3.75 3.25 -4.80
C CYS A 18 -3.77 4.77 -4.64
N GLU A 19 -4.26 5.24 -3.50
CA GLU A 19 -4.32 6.66 -3.22
C GLU A 19 -4.39 6.93 -1.71
N HIS A 20 -3.65 7.93 -1.27
CA HIS A 20 -3.61 8.28 0.15
C HIS A 20 -3.19 7.09 1.00
N LEU A 21 -2.30 6.27 0.45
CA LEU A 21 -1.81 5.09 1.15
C LEU A 21 -0.29 4.98 1.06
N SER A 22 0.32 4.40 2.08
CA SER A 22 1.78 4.23 2.11
C SER A 22 2.15 2.78 2.36
N CYS A 23 2.94 2.22 1.45
CA CYS A 23 3.38 0.83 1.56
C CYS A 23 4.08 0.59 2.91
N SER A 24 3.42 -0.18 3.77
CA SER A 24 3.96 -0.49 5.08
C SER A 24 4.70 -1.82 5.07
N ARG A 25 6.00 -1.77 5.37
CA ARG A 25 6.83 -2.97 5.39
C ARG A 25 6.59 -3.77 6.67
N LYS A 26 6.34 -3.07 7.76
CA LYS A 26 6.09 -3.72 9.05
C LYS A 26 4.95 -4.72 8.95
N HIS A 27 3.92 -4.35 8.20
CA HIS A 27 2.75 -5.22 8.01
C HIS A 27 2.84 -5.97 6.69
N GLY A 28 3.53 -5.37 5.72
CA GLY A 28 3.68 -6.00 4.41
C GLY A 28 2.59 -5.57 3.45
N TRP A 29 2.00 -4.41 3.70
CA TRP A 29 0.94 -3.89 2.84
C TRP A 29 0.76 -2.40 3.05
N CYS A 30 0.05 -1.75 2.12
CA CYS A 30 -0.21 -0.32 2.21
C CYS A 30 -1.18 -0.01 3.34
N VAL A 31 -1.00 1.14 3.96
CA VAL A 31 -1.87 1.57 5.07
C VAL A 31 -2.37 3.00 4.86
N TRP A 32 -3.50 3.32 5.46
CA TRP A 32 -4.08 4.65 5.35
C TRP A 32 -3.05 5.72 5.69
N ASP A 33 -3.18 6.87 5.05
CA ASP A 33 -2.25 7.98 5.28
C ASP A 33 -2.64 8.75 6.54
N TRP A 34 -3.93 8.72 6.87
CA TRP A 34 -4.43 9.42 8.06
C TRP A 34 -4.42 8.51 9.27
N THR A 35 -3.64 7.43 9.19
CA THR A 35 -3.54 6.47 10.29
C THR A 35 -2.11 6.36 10.81
N VAL A 36 -1.16 6.31 9.87
CA VAL A 36 0.25 6.21 10.23
C VAL A 36 1.06 7.32 9.57
N GLY A 1 -2.87 -3.37 -14.92
CA GLY A 1 -2.60 -3.70 -13.54
C GLY A 1 -3.27 -2.74 -12.57
N ASP A 2 -4.25 -3.23 -11.83
CA ASP A 2 -4.96 -2.40 -10.87
C ASP A 2 -4.08 -2.09 -9.66
N CYS A 3 -4.23 -0.88 -9.14
CA CYS A 3 -3.44 -0.45 -7.98
C CYS A 3 -3.81 -1.26 -6.74
N HIS A 4 -3.01 -1.13 -5.69
CA HIS A 4 -3.25 -1.85 -4.44
C HIS A 4 -3.87 -0.93 -3.40
N LYS A 5 -5.10 -1.24 -2.98
CA LYS A 5 -5.79 -0.44 -1.99
C LYS A 5 -5.31 -0.78 -0.57
N PHE A 6 -6.02 -0.28 0.42
CA PHE A 6 -5.67 -0.53 1.82
C PHE A 6 -5.50 -2.02 2.07
N LEU A 7 -4.52 -2.37 2.90
CA LEU A 7 -4.26 -3.77 3.22
C LEU A 7 -3.92 -4.57 1.96
N GLY A 8 -3.23 -3.93 1.03
CA GLY A 8 -2.85 -4.60 -0.20
C GLY A 8 -1.35 -4.72 -0.37
N TRP A 9 -0.91 -5.86 -0.87
CA TRP A 9 0.52 -6.11 -1.08
C TRP A 9 1.15 -4.97 -1.86
N CYS A 10 2.41 -4.67 -1.55
CA CYS A 10 3.13 -3.60 -2.23
C CYS A 10 4.59 -4.00 -2.45
N ARG A 11 5.19 -4.61 -1.45
CA ARG A 11 6.58 -5.05 -1.54
C ARG A 11 6.81 -5.90 -2.78
N GLY A 12 7.55 -5.35 -3.74
CA GLY A 12 7.83 -6.08 -4.96
C GLY A 12 6.89 -5.70 -6.09
N GLU A 13 5.69 -5.28 -5.74
CA GLU A 13 4.69 -4.89 -6.72
C GLU A 13 5.28 -3.89 -7.73
N PRO A 14 4.70 -3.86 -8.94
CA PRO A 14 5.16 -2.96 -10.01
C PRO A 14 4.83 -1.50 -9.70
N ASP A 15 3.59 -1.24 -9.34
CA ASP A 15 3.16 0.11 -9.02
C ASP A 15 2.90 0.27 -7.53
N PRO A 16 2.95 1.52 -7.04
CA PRO A 16 2.72 1.84 -5.63
C PRO A 16 1.27 1.62 -5.21
N CYS A 17 0.93 2.12 -4.02
CA CYS A 17 -0.43 1.97 -3.51
C CYS A 17 -1.44 2.64 -4.45
N CYS A 18 -2.70 2.67 -4.02
CA CYS A 18 -3.76 3.26 -4.82
C CYS A 18 -3.79 4.78 -4.63
N GLU A 19 -4.27 5.23 -3.49
CA GLU A 19 -4.36 6.65 -3.20
C GLU A 19 -4.40 6.90 -1.69
N HIS A 20 -3.69 7.94 -1.25
CA HIS A 20 -3.64 8.28 0.17
C HIS A 20 -3.21 7.08 1.01
N LEU A 21 -2.32 6.26 0.45
CA LEU A 21 -1.83 5.08 1.15
C LEU A 21 -0.31 4.98 1.05
N SER A 22 0.32 4.40 2.07
CA SER A 22 1.76 4.24 2.09
C SER A 22 2.15 2.79 2.36
N CYS A 23 2.93 2.23 1.43
CA CYS A 23 3.38 0.84 1.57
C CYS A 23 4.06 0.61 2.90
N SER A 24 3.41 -0.15 3.78
CA SER A 24 3.96 -0.45 5.09
C SER A 24 4.70 -1.78 5.09
N ARG A 25 5.99 -1.75 5.39
CA ARG A 25 6.80 -2.96 5.42
C ARG A 25 6.56 -3.75 6.71
N LYS A 26 6.32 -3.03 7.80
CA LYS A 26 6.06 -3.66 9.09
C LYS A 26 4.93 -4.67 8.99
N HIS A 27 3.92 -4.33 8.20
CA HIS A 27 2.77 -5.21 8.02
C HIS A 27 2.86 -5.96 6.69
N GLY A 28 3.55 -5.36 5.72
CA GLY A 28 3.69 -5.98 4.42
C GLY A 28 2.61 -5.56 3.44
N TRP A 29 2.00 -4.41 3.70
CA TRP A 29 0.94 -3.89 2.84
C TRP A 29 0.74 -2.40 3.06
N CYS A 30 0.05 -1.77 2.12
CA CYS A 30 -0.21 -0.33 2.21
C CYS A 30 -1.19 -0.02 3.33
N VAL A 31 -1.03 1.14 3.96
CA VAL A 31 -1.89 1.54 5.06
C VAL A 31 -2.40 2.97 4.85
N TRP A 32 -3.52 3.29 5.49
CA TRP A 32 -4.11 4.63 5.38
C TRP A 32 -3.07 5.70 5.68
N ASP A 33 -3.18 6.84 5.01
CA ASP A 33 -2.25 7.95 5.22
C ASP A 33 -2.59 8.70 6.50
N TRP A 34 -3.85 8.67 6.90
CA TRP A 34 -4.29 9.34 8.11
C TRP A 34 -4.22 8.41 9.32
N THR A 35 -3.44 7.34 9.18
CA THR A 35 -3.29 6.37 10.26
C THR A 35 -1.82 6.12 10.56
N VAL A 36 -1.17 7.09 11.18
CA VAL A 36 0.25 6.96 11.53
C VAL A 36 0.43 6.80 13.03
N GLY A 1 -1.59 -4.23 -13.76
CA GLY A 1 -2.78 -4.53 -12.98
C GLY A 1 -3.26 -3.35 -12.18
N ASP A 2 -4.47 -3.46 -11.63
CA ASP A 2 -5.05 -2.39 -10.81
C ASP A 2 -4.12 -2.03 -9.65
N CYS A 3 -4.34 -0.85 -9.08
CA CYS A 3 -3.53 -0.38 -7.97
C CYS A 3 -3.82 -1.19 -6.71
N HIS A 4 -2.98 -1.02 -5.69
CA HIS A 4 -3.14 -1.74 -4.44
C HIS A 4 -3.85 -0.87 -3.40
N LYS A 5 -5.03 -1.30 -2.98
CA LYS A 5 -5.81 -0.56 -1.99
C LYS A 5 -5.33 -0.88 -0.58
N PHE A 6 -6.04 -0.34 0.41
CA PHE A 6 -5.69 -0.56 1.81
C PHE A 6 -5.53 -2.05 2.10
N LEU A 7 -4.58 -2.38 2.98
CA LEU A 7 -4.32 -3.77 3.34
C LEU A 7 -3.99 -4.60 2.11
N GLY A 8 -3.29 -3.98 1.16
CA GLY A 8 -2.92 -4.68 -0.06
C GLY A 8 -1.41 -4.81 -0.21
N TRP A 9 -0.97 -5.93 -0.75
CA TRP A 9 0.46 -6.17 -0.96
C TRP A 9 1.09 -5.04 -1.76
N CYS A 10 2.37 -4.78 -1.50
CA CYS A 10 3.10 -3.73 -2.20
C CYS A 10 4.57 -4.11 -2.38
N ARG A 11 5.15 -4.70 -1.35
CA ARG A 11 6.55 -5.11 -1.39
C ARG A 11 6.83 -5.96 -2.62
N GLY A 12 7.59 -5.41 -3.56
CA GLY A 12 7.92 -6.14 -4.78
C GLY A 12 6.87 -5.96 -5.85
N GLU A 13 6.14 -4.86 -5.79
CA GLU A 13 5.09 -4.57 -6.77
C GLU A 13 5.58 -3.57 -7.81
N PRO A 14 4.96 -3.60 -9.01
CA PRO A 14 5.31 -2.69 -10.10
C PRO A 14 4.90 -1.26 -9.82
N ASP A 15 3.65 -1.08 -9.42
CA ASP A 15 3.13 0.27 -9.12
C ASP A 15 2.89 0.42 -7.63
N PRO A 16 2.88 1.68 -7.16
CA PRO A 16 2.65 2.00 -5.75
C PRO A 16 1.21 1.71 -5.31
N CYS A 17 0.85 2.20 -4.12
CA CYS A 17 -0.49 2.00 -3.59
C CYS A 17 -1.54 2.62 -4.50
N CYS A 18 -2.77 2.68 -4.02
CA CYS A 18 -3.87 3.26 -4.79
C CYS A 18 -3.93 4.77 -4.61
N GLU A 19 -4.40 5.21 -3.45
CA GLU A 19 -4.50 6.63 -3.16
C GLU A 19 -4.51 6.88 -1.65
N HIS A 20 -3.76 7.89 -1.21
CA HIS A 20 -3.67 8.22 0.20
C HIS A 20 -3.21 7.02 1.02
N LEU A 21 -2.35 6.21 0.43
CA LEU A 21 -1.83 5.02 1.11
C LEU A 21 -0.31 4.92 0.97
N SER A 22 0.34 4.34 1.95
CA SER A 22 1.79 4.18 1.94
C SER A 22 2.19 2.74 2.23
N CYS A 23 2.96 2.15 1.32
CA CYS A 23 3.41 0.77 1.47
C CYS A 23 4.07 0.57 2.83
N SER A 24 3.41 -0.19 3.70
CA SER A 24 3.93 -0.46 5.03
C SER A 24 4.68 -1.79 5.06
N ARG A 25 5.96 -1.73 5.41
CA ARG A 25 6.80 -2.93 5.47
C ARG A 25 6.52 -3.71 6.75
N LYS A 26 6.23 -2.99 7.83
CA LYS A 26 5.95 -3.61 9.12
C LYS A 26 4.83 -4.64 8.99
N HIS A 27 3.80 -4.29 8.23
CA HIS A 27 2.66 -5.18 8.01
C HIS A 27 2.79 -5.93 6.70
N GLY A 28 3.49 -5.33 5.74
CA GLY A 28 3.69 -5.95 4.44
C GLY A 28 2.62 -5.54 3.44
N TRP A 29 2.00 -4.40 3.68
CA TRP A 29 0.95 -3.90 2.80
C TRP A 29 0.74 -2.41 3.00
N CYS A 30 0.10 -1.77 2.02
CA CYS A 30 -0.18 -0.34 2.10
C CYS A 30 -1.16 -0.03 3.22
N VAL A 31 -0.98 1.11 3.86
CA VAL A 31 -1.85 1.53 4.95
C VAL A 31 -2.33 2.97 4.77
N TRP A 32 -3.44 3.30 5.39
CA TRP A 32 -4.00 4.64 5.30
C TRP A 32 -2.96 5.69 5.63
N ASP A 33 -3.07 6.85 4.98
CA ASP A 33 -2.12 7.94 5.21
C ASP A 33 -2.44 8.68 6.52
N TRP A 34 -3.70 8.65 6.91
CA TRP A 34 -4.14 9.31 8.13
C TRP A 34 -4.08 8.35 9.32
N THR A 35 -3.32 7.27 9.16
CA THR A 35 -3.18 6.28 10.22
C THR A 35 -1.72 6.08 10.60
N VAL A 36 -0.84 6.15 9.60
CA VAL A 36 0.59 5.99 9.82
C VAL A 36 1.11 6.98 10.84
N GLY A 1 -2.79 -3.59 -14.59
CA GLY A 1 -2.14 -3.59 -13.30
C GLY A 1 -2.86 -2.71 -12.29
N ASP A 2 -4.01 -3.15 -11.83
CA ASP A 2 -4.81 -2.39 -10.87
C ASP A 2 -3.96 -2.02 -9.66
N CYS A 3 -4.21 -0.83 -9.12
CA CYS A 3 -3.47 -0.34 -7.96
C CYS A 3 -3.80 -1.18 -6.72
N HIS A 4 -2.95 -1.06 -5.70
CA HIS A 4 -3.15 -1.80 -4.46
C HIS A 4 -3.85 -0.92 -3.40
N LYS A 5 -5.04 -1.34 -3.00
CA LYS A 5 -5.81 -0.60 -2.01
C LYS A 5 -5.33 -0.92 -0.60
N PHE A 6 -6.04 -0.41 0.40
CA PHE A 6 -5.69 -0.64 1.79
C PHE A 6 -5.50 -2.13 2.06
N LEU A 7 -4.55 -2.45 2.93
CA LEU A 7 -4.27 -3.83 3.29
C LEU A 7 -3.91 -4.65 2.05
N GLY A 8 -3.22 -4.01 1.10
CA GLY A 8 -2.84 -4.69 -0.12
C GLY A 8 -1.33 -4.82 -0.25
N TRP A 9 -0.88 -5.91 -0.86
CA TRP A 9 0.54 -6.15 -1.05
C TRP A 9 1.19 -5.01 -1.84
N CYS A 10 2.45 -4.73 -1.54
CA CYS A 10 3.18 -3.67 -2.21
C CYS A 10 4.64 -4.05 -2.41
N ARG A 11 5.24 -4.67 -1.38
CA ARG A 11 6.63 -5.08 -1.44
C ARG A 11 6.89 -5.92 -2.68
N GLY A 12 7.67 -5.37 -3.61
CA GLY A 12 7.99 -6.08 -4.83
C GLY A 12 6.91 -5.91 -5.90
N GLU A 13 6.18 -4.81 -5.83
CA GLU A 13 5.12 -4.53 -6.79
C GLU A 13 5.58 -3.53 -7.84
N PRO A 14 4.96 -3.58 -9.02
CA PRO A 14 5.29 -2.68 -10.13
C PRO A 14 4.87 -1.24 -9.86
N ASP A 15 3.62 -1.06 -9.45
CA ASP A 15 3.09 0.28 -9.16
C ASP A 15 2.85 0.44 -7.66
N PRO A 16 2.81 1.70 -7.20
CA PRO A 16 2.60 2.02 -5.79
C PRO A 16 1.17 1.72 -5.34
N CYS A 17 0.81 2.19 -4.16
CA CYS A 17 -0.53 1.98 -3.62
C CYS A 17 -1.59 2.62 -4.50
N CYS A 18 -2.82 2.67 -4.01
CA CYS A 18 -3.92 3.26 -4.76
C CYS A 18 -3.98 4.76 -4.54
N GLU A 19 -4.45 5.17 -3.36
CA GLU A 19 -4.56 6.59 -3.04
C GLU A 19 -4.61 6.80 -1.53
N HIS A 20 -3.91 7.81 -1.05
CA HIS A 20 -3.88 8.12 0.37
C HIS A 20 -3.39 6.91 1.18
N LEU A 21 -2.49 6.14 0.59
CA LEU A 21 -1.94 4.97 1.25
C LEU A 21 -0.42 4.92 1.10
N SER A 22 0.24 4.24 2.04
CA SER A 22 1.69 4.12 2.02
C SER A 22 2.12 2.68 2.30
N CYS A 23 2.91 2.13 1.38
CA CYS A 23 3.40 0.76 1.52
C CYS A 23 4.04 0.54 2.90
N SER A 24 3.38 -0.24 3.73
CA SER A 24 3.88 -0.52 5.07
C SER A 24 4.63 -1.85 5.10
N ARG A 25 5.89 -1.80 5.54
CA ARG A 25 6.72 -3.00 5.62
C ARG A 25 6.42 -3.78 6.89
N LYS A 26 6.13 -3.06 7.97
CA LYS A 26 5.83 -3.68 9.25
C LYS A 26 4.70 -4.71 9.11
N HIS A 27 3.77 -4.44 8.19
CA HIS A 27 2.64 -5.33 7.95
C HIS A 27 2.80 -6.05 6.61
N GLY A 28 3.50 -5.41 5.68
CA GLY A 28 3.70 -6.00 4.37
C GLY A 28 2.64 -5.58 3.37
N TRP A 29 1.97 -4.48 3.65
CA TRP A 29 0.92 -3.98 2.78
C TRP A 29 0.71 -2.47 2.99
N CYS A 30 0.08 -1.83 2.01
CA CYS A 30 -0.18 -0.40 2.09
C CYS A 30 -1.15 -0.09 3.22
N VAL A 31 -0.97 1.07 3.85
CA VAL A 31 -1.82 1.49 4.96
C VAL A 31 -2.26 2.94 4.79
N TRP A 32 -3.36 3.30 5.44
CA TRP A 32 -3.88 4.66 5.38
C TRP A 32 -2.80 5.68 5.69
N ASP A 33 -2.91 6.86 5.08
CA ASP A 33 -1.93 7.92 5.31
C ASP A 33 -2.36 8.81 6.46
N TRP A 34 -3.65 9.04 6.59
CA TRP A 34 -4.20 9.87 7.65
C TRP A 34 -4.16 9.14 8.99
N THR A 35 -4.28 7.81 8.94
CA THR A 35 -4.26 6.99 10.15
C THR A 35 -3.05 7.31 11.01
N VAL A 36 -1.95 7.68 10.36
CA VAL A 36 -0.71 8.01 11.08
C VAL A 36 -0.42 9.51 10.99
N GLY A 1 -3.68 -4.18 -14.75
CA GLY A 1 -2.84 -3.86 -13.62
C GLY A 1 -3.46 -2.79 -12.73
N ASP A 2 -4.31 -3.22 -11.79
CA ASP A 2 -4.96 -2.29 -10.88
C ASP A 2 -4.05 -1.94 -9.70
N CYS A 3 -4.29 -0.79 -9.09
CA CYS A 3 -3.50 -0.35 -7.96
C CYS A 3 -3.80 -1.18 -6.71
N HIS A 4 -2.97 -1.02 -5.69
CA HIS A 4 -3.17 -1.75 -4.44
C HIS A 4 -3.89 -0.89 -3.40
N LYS A 5 -5.08 -1.33 -3.01
CA LYS A 5 -5.87 -0.60 -2.03
C LYS A 5 -5.38 -0.89 -0.61
N PHE A 6 -6.10 -0.36 0.38
CA PHE A 6 -5.74 -0.57 1.77
C PHE A 6 -5.56 -2.05 2.07
N LEU A 7 -4.58 -2.36 2.93
CA LEU A 7 -4.30 -3.75 3.30
C LEU A 7 -3.95 -4.58 2.07
N GLY A 8 -3.27 -3.95 1.12
CA GLY A 8 -2.88 -4.65 -0.09
C GLY A 8 -1.39 -4.80 -0.21
N TRP A 9 -0.96 -5.89 -0.86
CA TRP A 9 0.47 -6.15 -1.04
C TRP A 9 1.13 -5.03 -1.85
N CYS A 10 2.39 -4.74 -1.52
CA CYS A 10 3.13 -3.70 -2.22
C CYS A 10 4.59 -4.10 -2.40
N ARG A 11 5.16 -4.71 -1.37
CA ARG A 11 6.55 -5.14 -1.42
C ARG A 11 6.81 -6.00 -2.65
N GLY A 12 7.60 -5.46 -3.59
CA GLY A 12 7.90 -6.18 -4.80
C GLY A 12 6.85 -6.00 -5.88
N GLU A 13 6.13 -4.88 -5.82
CA GLU A 13 5.09 -4.58 -6.79
C GLU A 13 5.57 -3.56 -7.82
N PRO A 14 4.95 -3.60 -9.01
CA PRO A 14 5.30 -2.69 -10.10
C PRO A 14 4.90 -1.24 -9.80
N ASP A 15 3.64 -1.06 -9.41
CA ASP A 15 3.14 0.27 -9.10
C ASP A 15 2.88 0.42 -7.60
N PRO A 16 2.88 1.68 -7.13
CA PRO A 16 2.65 1.98 -5.70
C PRO A 16 1.22 1.71 -5.27
N CYS A 17 0.86 2.18 -4.09
CA CYS A 17 -0.49 1.99 -3.55
C CYS A 17 -1.53 2.61 -4.46
N CYS A 18 -2.77 2.68 -3.98
CA CYS A 18 -3.86 3.27 -4.75
C CYS A 18 -3.91 4.78 -4.56
N GLU A 19 -4.40 5.21 -3.39
CA GLU A 19 -4.49 6.63 -3.09
C GLU A 19 -4.50 6.86 -1.58
N HIS A 20 -3.77 7.89 -1.14
CA HIS A 20 -3.69 8.22 0.28
C HIS A 20 -3.23 7.01 1.09
N LEU A 21 -2.35 6.20 0.50
CA LEU A 21 -1.83 5.01 1.16
C LEU A 21 -0.31 4.93 1.01
N SER A 22 0.34 4.33 2.00
CA SER A 22 1.79 4.18 1.98
C SER A 22 2.19 2.74 2.26
N CYS A 23 2.97 2.16 1.34
CA CYS A 23 3.42 0.79 1.48
C CYS A 23 4.09 0.57 2.84
N SER A 24 3.42 -0.21 3.70
CA SER A 24 3.95 -0.49 5.02
C SER A 24 4.69 -1.82 5.04
N ARG A 25 5.98 -1.78 5.35
CA ARG A 25 6.80 -2.98 5.40
C ARG A 25 6.55 -3.75 6.69
N LYS A 26 6.31 -3.03 7.77
CA LYS A 26 6.04 -3.65 9.07
C LYS A 26 4.91 -4.66 8.97
N HIS A 27 3.86 -4.30 8.24
CA HIS A 27 2.71 -5.18 8.06
C HIS A 27 2.80 -5.94 6.75
N GLY A 28 3.49 -5.35 5.78
CA GLY A 28 3.65 -6.00 4.49
C GLY A 28 2.58 -5.59 3.49
N TRP A 29 1.97 -4.44 3.73
CA TRP A 29 0.92 -3.93 2.86
C TRP A 29 0.72 -2.43 3.05
N CYS A 30 0.10 -1.79 2.07
CA CYS A 30 -0.16 -0.36 2.13
C CYS A 30 -1.12 -0.02 3.27
N VAL A 31 -0.92 1.13 3.89
CA VAL A 31 -1.77 1.57 5.00
C VAL A 31 -2.26 2.99 4.78
N TRP A 32 -3.40 3.32 5.38
CA TRP A 32 -3.98 4.66 5.26
C TRP A 32 -2.94 5.73 5.59
N ASP A 33 -3.07 6.88 4.95
CA ASP A 33 -2.14 7.99 5.18
C ASP A 33 -2.51 8.75 6.44
N TRP A 34 -3.79 8.72 6.80
CA TRP A 34 -4.28 9.42 7.98
C TRP A 34 -4.25 8.50 9.20
N THR A 35 -3.47 7.41 9.10
CA THR A 35 -3.36 6.46 10.19
C THR A 35 -1.91 6.29 10.63
N VAL A 36 -1.00 6.34 9.66
CA VAL A 36 0.43 6.19 9.96
C VAL A 36 1.27 6.40 8.70
N GLY A 1 -1.29 -3.93 -13.93
CA GLY A 1 -2.58 -4.25 -13.32
C GLY A 1 -3.12 -3.10 -12.48
N ASP A 2 -4.21 -3.36 -11.78
CA ASP A 2 -4.84 -2.34 -10.94
C ASP A 2 -3.96 -2.01 -9.73
N CYS A 3 -4.18 -0.85 -9.13
CA CYS A 3 -3.40 -0.43 -7.97
C CYS A 3 -3.79 -1.23 -6.74
N HIS A 4 -3.00 -1.11 -5.68
CA HIS A 4 -3.26 -1.82 -4.44
C HIS A 4 -3.89 -0.90 -3.39
N LYS A 5 -5.11 -1.20 -3.00
CA LYS A 5 -5.81 -0.40 -2.00
C LYS A 5 -5.33 -0.73 -0.60
N PHE A 6 -6.03 -0.19 0.41
CA PHE A 6 -5.67 -0.43 1.80
C PHE A 6 -5.52 -1.92 2.08
N LEU A 7 -4.57 -2.26 2.93
CA LEU A 7 -4.31 -3.65 3.29
C LEU A 7 -4.01 -4.49 2.04
N GLY A 8 -3.21 -3.92 1.15
CA GLY A 8 -2.85 -4.62 -0.08
C GLY A 8 -1.35 -4.74 -0.25
N TRP A 9 -0.91 -5.89 -0.77
CA TRP A 9 0.52 -6.13 -0.98
C TRP A 9 1.14 -4.99 -1.79
N CYS A 10 2.41 -4.71 -1.50
CA CYS A 10 3.12 -3.64 -2.20
C CYS A 10 4.58 -4.03 -2.43
N ARG A 11 5.19 -4.64 -1.43
CA ARG A 11 6.58 -5.06 -1.52
C ARG A 11 6.81 -5.93 -2.76
N GLY A 12 7.54 -5.38 -3.72
CA GLY A 12 7.81 -6.12 -4.94
C GLY A 12 6.87 -5.75 -6.06
N GLU A 13 5.67 -5.32 -5.71
CA GLU A 13 4.67 -4.93 -6.70
C GLU A 13 5.25 -3.95 -7.71
N PRO A 14 4.69 -3.94 -8.92
CA PRO A 14 5.13 -3.06 -10.01
C PRO A 14 4.82 -1.59 -9.72
N ASP A 15 3.57 -1.31 -9.35
CA ASP A 15 3.15 0.05 -9.06
C ASP A 15 2.89 0.22 -7.56
N PRO A 16 2.94 1.47 -7.09
CA PRO A 16 2.72 1.81 -5.68
C PRO A 16 1.27 1.60 -5.26
N CYS A 17 0.93 2.10 -4.08
CA CYS A 17 -0.42 1.98 -3.56
C CYS A 17 -1.43 2.64 -4.49
N CYS A 18 -2.68 2.72 -4.04
CA CYS A 18 -3.75 3.32 -4.84
C CYS A 18 -3.77 4.84 -4.65
N GLU A 19 -4.27 5.28 -3.50
CA GLU A 19 -4.34 6.70 -3.20
C GLU A 19 -4.37 6.93 -1.70
N HIS A 20 -3.66 7.97 -1.24
CA HIS A 20 -3.61 8.29 0.18
C HIS A 20 -3.16 7.09 1.00
N LEU A 21 -2.28 6.28 0.42
CA LEU A 21 -1.78 5.09 1.11
C LEU A 21 -0.26 4.99 0.98
N SER A 22 0.37 4.40 1.99
CA SER A 22 1.82 4.25 1.99
C SER A 22 2.21 2.80 2.27
N CYS A 23 2.97 2.21 1.36
CA CYS A 23 3.42 0.82 1.50
C CYS A 23 4.08 0.61 2.86
N SER A 24 3.42 -0.14 3.73
CA SER A 24 3.93 -0.43 5.07
C SER A 24 4.73 -1.73 5.07
N ARG A 25 5.99 -1.64 5.45
CA ARG A 25 6.87 -2.81 5.50
C ARG A 25 6.60 -3.62 6.77
N LYS A 26 6.24 -2.93 7.84
CA LYS A 26 5.96 -3.59 9.11
C LYS A 26 4.86 -4.63 8.96
N HIS A 27 3.85 -4.29 8.19
CA HIS A 27 2.72 -5.20 7.95
C HIS A 27 2.88 -5.93 6.62
N GLY A 28 3.56 -5.29 5.68
CA GLY A 28 3.76 -5.89 4.38
C GLY A 28 2.69 -5.48 3.38
N TRP A 29 2.04 -4.36 3.63
CA TRP A 29 0.98 -3.87 2.75
C TRP A 29 0.72 -2.39 2.98
N CYS A 30 0.11 -1.74 1.99
CA CYS A 30 -0.19 -0.31 2.09
C CYS A 30 -1.16 -0.03 3.23
N VAL A 31 -0.97 1.11 3.89
CA VAL A 31 -1.84 1.49 5.00
C VAL A 31 -2.33 2.92 4.84
N TRP A 32 -3.48 3.21 5.44
CA TRP A 32 -4.08 4.54 5.35
C TRP A 32 -3.07 5.62 5.75
N ASP A 33 -3.17 6.77 5.11
CA ASP A 33 -2.25 7.88 5.39
C ASP A 33 -2.66 8.59 6.68
N TRP A 34 -3.93 8.53 7.01
CA TRP A 34 -4.45 9.17 8.22
C TRP A 34 -4.43 8.19 9.39
N THR A 35 -3.63 7.14 9.28
CA THR A 35 -3.51 6.14 10.33
C THR A 35 -2.06 5.87 10.68
N VAL A 36 -1.42 6.87 11.32
CA VAL A 36 -0.03 6.74 11.72
C VAL A 36 0.09 6.49 13.21
N GLY A 1 -3.75 -5.31 -13.62
CA GLY A 1 -2.70 -4.67 -12.83
C GLY A 1 -3.20 -3.45 -12.08
N ASP A 2 -4.40 -3.56 -11.51
CA ASP A 2 -4.99 -2.45 -10.76
C ASP A 2 -4.13 -2.08 -9.56
N CYS A 3 -4.27 -0.85 -9.10
CA CYS A 3 -3.50 -0.37 -7.95
C CYS A 3 -3.82 -1.18 -6.71
N HIS A 4 -2.96 -1.05 -5.69
CA HIS A 4 -3.16 -1.77 -4.44
C HIS A 4 -3.85 -0.89 -3.41
N LYS A 5 -5.05 -1.29 -2.99
CA LYS A 5 -5.81 -0.54 -2.00
C LYS A 5 -5.34 -0.84 -0.59
N PHE A 6 -6.05 -0.32 0.39
CA PHE A 6 -5.71 -0.54 1.80
C PHE A 6 -5.53 -2.04 2.08
N LEU A 7 -4.56 -2.36 2.93
CA LEU A 7 -4.29 -3.74 3.28
C LEU A 7 -3.94 -4.56 2.05
N GLY A 8 -3.25 -3.94 1.09
CA GLY A 8 -2.88 -4.63 -0.13
C GLY A 8 -1.37 -4.78 -0.26
N TRP A 9 -0.94 -5.89 -0.85
CA TRP A 9 0.48 -6.15 -1.04
C TRP A 9 1.14 -5.04 -1.84
N CYS A 10 2.40 -4.75 -1.53
CA CYS A 10 3.14 -3.71 -2.23
C CYS A 10 4.60 -4.12 -2.42
N ARG A 11 5.17 -4.73 -1.39
CA ARG A 11 6.57 -5.17 -1.44
C ARG A 11 6.82 -6.03 -2.69
N GLY A 12 7.61 -5.50 -3.61
CA GLY A 12 7.91 -6.23 -4.83
C GLY A 12 6.85 -6.04 -5.90
N GLU A 13 6.14 -4.92 -5.83
CA GLU A 13 5.09 -4.63 -6.80
C GLU A 13 5.57 -3.62 -7.84
N PRO A 14 4.95 -3.65 -9.03
CA PRO A 14 5.30 -2.75 -10.13
C PRO A 14 4.90 -1.31 -9.84
N ASP A 15 3.65 -1.11 -9.45
CA ASP A 15 3.14 0.21 -9.14
C ASP A 15 2.89 0.37 -7.64
N PRO A 16 2.87 1.63 -7.17
CA PRO A 16 2.65 1.95 -5.76
C PRO A 16 1.21 1.66 -5.32
N CYS A 17 0.86 2.15 -4.14
CA CYS A 17 -0.49 1.95 -3.61
C CYS A 17 -1.53 2.61 -4.51
N CYS A 18 -2.77 2.65 -4.02
CA CYS A 18 -3.86 3.26 -4.77
C CYS A 18 -3.90 4.77 -4.58
N GLU A 19 -4.36 5.21 -3.41
CA GLU A 19 -4.45 6.62 -3.10
C GLU A 19 -4.47 6.85 -1.59
N HIS A 20 -3.79 7.92 -1.15
CA HIS A 20 -3.74 8.24 0.27
C HIS A 20 -3.27 7.04 1.09
N LEU A 21 -2.38 6.25 0.51
CA LEU A 21 -1.85 5.06 1.18
C LEU A 21 -0.33 5.00 1.06
N SER A 22 0.31 4.32 2.01
CA SER A 22 1.75 4.19 2.01
C SER A 22 2.16 2.74 2.28
N CYS A 23 2.91 2.15 1.35
CA CYS A 23 3.38 0.78 1.50
C CYS A 23 4.04 0.56 2.85
N SER A 24 3.39 -0.20 3.71
CA SER A 24 3.93 -0.48 5.03
C SER A 24 4.69 -1.80 5.05
N ARG A 25 5.96 -1.73 5.42
CA ARG A 25 6.81 -2.92 5.47
C ARG A 25 6.56 -3.71 6.76
N LYS A 26 6.29 -3.00 7.84
CA LYS A 26 6.03 -3.63 9.13
C LYS A 26 4.88 -4.63 9.03
N HIS A 27 3.88 -4.29 8.20
CA HIS A 27 2.73 -5.16 8.01
C HIS A 27 2.83 -5.92 6.70
N GLY A 28 3.53 -5.33 5.73
CA GLY A 28 3.68 -5.96 4.43
C GLY A 28 2.61 -5.55 3.45
N TRP A 29 2.00 -4.40 3.69
CA TRP A 29 0.94 -3.90 2.82
C TRP A 29 0.74 -2.40 3.03
N CYS A 30 0.07 -1.77 2.07
CA CYS A 30 -0.20 -0.33 2.15
C CYS A 30 -1.19 -0.01 3.26
N VAL A 31 -1.01 1.14 3.89
CA VAL A 31 -1.88 1.56 4.97
C VAL A 31 -2.34 3.01 4.78
N TRP A 32 -3.48 3.35 5.38
CA TRP A 32 -4.02 4.69 5.27
C TRP A 32 -2.98 5.74 5.66
N ASP A 33 -3.03 6.89 5.02
CA ASP A 33 -2.09 7.97 5.29
C ASP A 33 -2.47 8.71 6.57
N TRP A 34 -3.76 8.70 6.90
CA TRP A 34 -4.24 9.37 8.09
C TRP A 34 -4.26 8.42 9.28
N THR A 35 -3.51 7.33 9.17
CA THR A 35 -3.44 6.34 10.23
C THR A 35 -2.00 6.06 10.63
N VAL A 36 -1.12 5.98 9.64
CA VAL A 36 0.29 5.72 9.89
C VAL A 36 0.98 6.95 10.47
N GLY A 1 -1.13 -3.98 -13.12
CA GLY A 1 -1.84 -2.81 -13.62
C GLY A 1 -2.66 -2.12 -12.55
N ASP A 2 -3.69 -2.81 -12.08
CA ASP A 2 -4.56 -2.26 -11.05
C ASP A 2 -3.78 -1.94 -9.78
N CYS A 3 -3.95 -0.73 -9.27
CA CYS A 3 -3.27 -0.30 -8.06
C CYS A 3 -3.67 -1.17 -6.86
N HIS A 4 -2.90 -1.06 -5.78
CA HIS A 4 -3.18 -1.83 -4.58
C HIS A 4 -3.85 -0.96 -3.52
N LYS A 5 -5.09 -1.31 -3.17
CA LYS A 5 -5.84 -0.57 -2.17
C LYS A 5 -5.38 -0.92 -0.75
N PHE A 6 -6.11 -0.44 0.24
CA PHE A 6 -5.77 -0.71 1.64
C PHE A 6 -5.58 -2.20 1.87
N LEU A 7 -4.59 -2.53 2.70
CA LEU A 7 -4.30 -3.94 3.01
C LEU A 7 -3.93 -4.71 1.75
N GLY A 8 -3.24 -4.04 0.84
CA GLY A 8 -2.82 -4.68 -0.40
C GLY A 8 -1.31 -4.80 -0.52
N TRP A 9 -0.85 -5.96 -0.96
CA TRP A 9 0.58 -6.20 -1.12
C TRP A 9 1.23 -5.09 -1.96
N CYS A 10 2.45 -4.72 -1.59
CA CYS A 10 3.17 -3.68 -2.30
C CYS A 10 4.65 -4.07 -2.48
N ARG A 11 5.20 -4.73 -1.47
CA ARG A 11 6.60 -5.15 -1.51
C ARG A 11 6.88 -5.94 -2.80
N GLY A 12 7.66 -5.34 -3.69
CA GLY A 12 8.00 -6.00 -4.94
C GLY A 12 7.05 -5.64 -6.06
N GLU A 13 5.82 -5.30 -5.69
CA GLU A 13 4.80 -4.94 -6.68
C GLU A 13 5.35 -3.92 -7.67
N PRO A 14 4.79 -3.94 -8.90
CA PRO A 14 5.21 -3.02 -9.96
C PRO A 14 4.80 -1.58 -9.69
N ASP A 15 3.55 -1.38 -9.33
CA ASP A 15 3.04 -0.04 -9.04
C ASP A 15 2.79 0.13 -7.54
N PRO A 16 2.86 1.37 -7.07
CA PRO A 16 2.65 1.70 -5.65
C PRO A 16 1.20 1.51 -5.23
N CYS A 17 0.85 2.03 -4.05
CA CYS A 17 -0.50 1.92 -3.52
C CYS A 17 -1.50 2.58 -4.47
N CYS A 18 -2.75 2.67 -4.03
CA CYS A 18 -3.81 3.27 -4.83
C CYS A 18 -3.86 4.78 -4.61
N GLU A 19 -4.35 5.18 -3.44
CA GLU A 19 -4.46 6.60 -3.11
C GLU A 19 -4.59 6.80 -1.60
N HIS A 20 -3.99 7.86 -1.09
CA HIS A 20 -4.05 8.16 0.34
C HIS A 20 -3.55 6.98 1.17
N LEU A 21 -2.59 6.24 0.61
CA LEU A 21 -2.03 5.08 1.29
C LEU A 21 -0.51 5.09 1.23
N SER A 22 0.13 4.31 2.08
CA SER A 22 1.59 4.23 2.12
C SER A 22 2.05 2.80 2.38
N CYS A 23 2.82 2.25 1.45
CA CYS A 23 3.33 0.89 1.58
C CYS A 23 4.04 0.70 2.91
N SER A 24 3.43 -0.08 3.80
CA SER A 24 4.00 -0.34 5.11
C SER A 24 4.73 -1.68 5.14
N ARG A 25 6.01 -1.65 5.51
CA ARG A 25 6.82 -2.86 5.57
C ARG A 25 6.52 -3.66 6.83
N LYS A 26 6.22 -2.94 7.92
CA LYS A 26 5.91 -3.59 9.19
C LYS A 26 4.77 -4.58 9.04
N HIS A 27 3.79 -4.23 8.21
CA HIS A 27 2.63 -5.09 7.98
C HIS A 27 2.78 -5.84 6.66
N GLY A 28 3.49 -5.23 5.72
CA GLY A 28 3.69 -5.85 4.42
C GLY A 28 2.63 -5.46 3.42
N TRP A 29 1.98 -4.33 3.66
CA TRP A 29 0.93 -3.85 2.78
C TRP A 29 0.68 -2.36 2.97
N CYS A 30 -0.01 -1.74 2.02
CA CYS A 30 -0.31 -0.31 2.09
C CYS A 30 -1.29 -0.02 3.23
N VAL A 31 -1.09 1.10 3.91
CA VAL A 31 -1.97 1.49 5.01
C VAL A 31 -2.37 2.96 4.89
N TRP A 32 -3.49 3.31 5.51
CA TRP A 32 -3.98 4.69 5.48
C TRP A 32 -2.88 5.66 5.90
N ASP A 33 -2.89 6.85 5.30
CA ASP A 33 -1.91 7.87 5.61
C ASP A 33 -2.29 8.63 6.87
N TRP A 34 -3.51 9.14 6.91
CA TRP A 34 -4.01 9.90 8.05
C TRP A 34 -3.77 9.12 9.35
N THR A 35 -3.88 7.79 9.26
CA THR A 35 -3.69 6.93 10.42
C THR A 35 -2.25 6.98 10.91
N VAL A 36 -1.32 6.56 10.05
CA VAL A 36 0.09 6.56 10.40
C VAL A 36 0.64 7.99 10.50
N GLY A 1 -1.24 -3.59 -13.36
CA GLY A 1 -2.61 -3.24 -13.71
C GLY A 1 -3.30 -2.43 -12.62
N ASP A 2 -4.27 -3.06 -11.98
CA ASP A 2 -5.01 -2.41 -10.90
C ASP A 2 -4.11 -2.08 -9.72
N CYS A 3 -4.29 -0.89 -9.16
CA CYS A 3 -3.48 -0.47 -8.02
C CYS A 3 -3.82 -1.28 -6.78
N HIS A 4 -2.99 -1.14 -5.74
CA HIS A 4 -3.20 -1.86 -4.49
C HIS A 4 -3.85 -0.96 -3.44
N LYS A 5 -5.05 -1.33 -3.02
CA LYS A 5 -5.78 -0.55 -2.02
C LYS A 5 -5.31 -0.90 -0.62
N PHE A 6 -6.03 -0.40 0.38
CA PHE A 6 -5.68 -0.66 1.78
C PHE A 6 -5.51 -2.16 2.03
N LEU A 7 -4.54 -2.50 2.87
CA LEU A 7 -4.28 -3.90 3.19
C LEU A 7 -3.92 -4.69 1.93
N GLY A 8 -3.22 -4.03 1.01
CA GLY A 8 -2.83 -4.70 -0.23
C GLY A 8 -1.33 -4.84 -0.36
N TRP A 9 -0.89 -5.94 -0.95
CA TRP A 9 0.53 -6.20 -1.14
C TRP A 9 1.18 -5.11 -1.98
N CYS A 10 2.40 -4.74 -1.63
CA CYS A 10 3.13 -3.70 -2.35
C CYS A 10 4.58 -4.11 -2.57
N ARG A 11 5.16 -4.77 -1.57
CA ARG A 11 6.55 -5.22 -1.64
C ARG A 11 6.79 -6.00 -2.93
N GLY A 12 7.60 -5.44 -3.82
CA GLY A 12 7.91 -6.09 -5.07
C GLY A 12 6.99 -5.66 -6.19
N GLU A 13 5.76 -5.28 -5.84
CA GLU A 13 4.78 -4.85 -6.83
C GLU A 13 5.39 -3.82 -7.77
N PRO A 14 4.86 -3.76 -9.01
CA PRO A 14 5.33 -2.83 -10.04
C PRO A 14 4.97 -1.38 -9.71
N ASP A 15 3.71 -1.14 -9.37
CA ASP A 15 3.24 0.19 -9.04
C ASP A 15 2.97 0.31 -7.54
N PRO A 16 2.97 1.55 -7.04
CA PRO A 16 2.72 1.84 -5.63
C PRO A 16 1.28 1.58 -5.22
N CYS A 17 0.90 2.06 -4.05
CA CYS A 17 -0.46 1.88 -3.54
C CYS A 17 -1.47 2.55 -4.48
N CYS A 18 -2.73 2.60 -4.03
CA CYS A 18 -3.78 3.22 -4.82
C CYS A 18 -3.81 4.73 -4.63
N GLU A 19 -4.30 5.16 -3.48
CA GLU A 19 -4.37 6.59 -3.17
C GLU A 19 -4.54 6.81 -1.66
N HIS A 20 -3.86 7.84 -1.15
CA HIS A 20 -3.93 8.17 0.27
C HIS A 20 -3.45 6.99 1.12
N LEU A 21 -2.51 6.21 0.57
CA LEU A 21 -1.97 5.07 1.28
C LEU A 21 -0.44 5.03 1.18
N SER A 22 0.18 4.32 2.10
CA SER A 22 1.64 4.22 2.11
C SER A 22 2.07 2.77 2.39
N CYS A 23 2.83 2.21 1.45
CA CYS A 23 3.31 0.84 1.59
C CYS A 23 4.01 0.64 2.93
N SER A 24 3.37 -0.14 3.81
CA SER A 24 3.93 -0.40 5.13
C SER A 24 4.67 -1.74 5.15
N ARG A 25 5.94 -1.70 5.55
CA ARG A 25 6.76 -2.90 5.61
C ARG A 25 6.46 -3.69 6.88
N LYS A 26 6.17 -2.99 7.96
CA LYS A 26 5.86 -3.62 9.24
C LYS A 26 4.76 -4.66 9.08
N HIS A 27 3.82 -4.39 8.17
CA HIS A 27 2.71 -5.29 7.92
C HIS A 27 2.87 -5.99 6.58
N GLY A 28 3.54 -5.32 5.65
CA GLY A 28 3.75 -5.89 4.33
C GLY A 28 2.66 -5.47 3.35
N TRP A 29 1.96 -4.39 3.66
CA TRP A 29 0.90 -3.89 2.80
C TRP A 29 0.66 -2.40 3.02
N CYS A 30 0.01 -1.76 2.07
CA CYS A 30 -0.29 -0.33 2.17
C CYS A 30 -1.25 -0.05 3.32
N VAL A 31 -1.09 1.11 3.94
CA VAL A 31 -1.94 1.50 5.07
C VAL A 31 -2.36 2.96 4.96
N TRP A 32 -3.46 3.31 5.62
CA TRP A 32 -3.97 4.67 5.60
C TRP A 32 -2.87 5.67 5.93
N ASP A 33 -2.94 6.86 5.32
CA ASP A 33 -1.95 7.90 5.56
C ASP A 33 -2.38 8.81 6.71
N TRP A 34 -3.66 9.14 6.73
CA TRP A 34 -4.20 10.01 7.78
C TRP A 34 -4.23 9.29 9.12
N THR A 35 -4.37 7.97 9.08
CA THR A 35 -4.42 7.16 10.30
C THR A 35 -3.23 7.47 11.20
N VAL A 36 -2.10 7.82 10.60
CA VAL A 36 -0.90 8.15 11.35
C VAL A 36 -1.06 9.46 12.09
N GLY A 1 -0.22 -4.40 -12.56
CA GLY A 1 -1.53 -4.06 -13.07
C GLY A 1 -2.22 -2.99 -12.24
N ASP A 2 -3.51 -3.19 -11.97
CA ASP A 2 -4.27 -2.24 -11.17
C ASP A 2 -3.59 -1.96 -9.85
N CYS A 3 -3.80 -0.76 -9.32
CA CYS A 3 -3.21 -0.36 -8.05
C CYS A 3 -3.71 -1.23 -6.90
N HIS A 4 -3.00 -1.21 -5.78
CA HIS A 4 -3.38 -2.00 -4.62
C HIS A 4 -4.06 -1.13 -3.56
N LYS A 5 -5.33 -1.42 -3.29
CA LYS A 5 -6.08 -0.67 -2.30
C LYS A 5 -5.60 -0.99 -0.88
N PHE A 6 -6.33 -0.49 0.10
CA PHE A 6 -5.99 -0.73 1.51
C PHE A 6 -5.75 -2.21 1.77
N LEU A 7 -4.78 -2.50 2.62
CA LEU A 7 -4.44 -3.88 2.96
C LEU A 7 -4.04 -4.67 1.71
N GLY A 8 -3.38 -3.99 0.79
CA GLY A 8 -2.95 -4.64 -0.44
C GLY A 8 -1.44 -4.76 -0.53
N TRP A 9 -0.97 -5.92 -0.98
CA TRP A 9 0.46 -6.16 -1.11
C TRP A 9 1.13 -5.05 -1.91
N CYS A 10 2.36 -4.70 -1.53
CA CYS A 10 3.11 -3.64 -2.20
C CYS A 10 4.58 -4.03 -2.35
N ARG A 11 5.11 -4.71 -1.32
CA ARG A 11 6.50 -5.12 -1.34
C ARG A 11 6.83 -5.90 -2.60
N GLY A 12 7.64 -5.30 -3.47
CA GLY A 12 8.01 -5.95 -4.71
C GLY A 12 7.08 -5.60 -5.85
N GLU A 13 5.85 -5.25 -5.52
CA GLU A 13 4.85 -4.89 -6.52
C GLU A 13 5.43 -3.89 -7.52
N PRO A 14 4.87 -3.88 -8.74
CA PRO A 14 5.31 -2.98 -9.80
C PRO A 14 4.94 -1.53 -9.53
N ASP A 15 3.68 -1.29 -9.18
CA ASP A 15 3.20 0.05 -8.88
C ASP A 15 2.92 0.21 -7.39
N PRO A 16 2.94 1.46 -6.91
CA PRO A 16 2.68 1.77 -5.50
C PRO A 16 1.22 1.53 -5.11
N CYS A 17 0.84 2.07 -3.95
CA CYS A 17 -0.53 1.92 -3.47
C CYS A 17 -1.52 2.58 -4.41
N CYS A 18 -2.79 2.58 -4.02
CA CYS A 18 -3.84 3.20 -4.83
C CYS A 18 -3.91 4.69 -4.59
N GLU A 19 -4.46 5.08 -3.45
CA GLU A 19 -4.59 6.49 -3.10
C GLU A 19 -4.67 6.68 -1.58
N HIS A 20 -4.11 7.79 -1.09
CA HIS A 20 -4.12 8.07 0.33
C HIS A 20 -3.57 6.91 1.14
N LEU A 21 -2.64 6.17 0.52
CA LEU A 21 -2.04 5.01 1.18
C LEU A 21 -0.52 5.03 1.02
N SER A 22 0.19 4.49 2.01
CA SER A 22 1.64 4.45 1.98
C SER A 22 2.15 3.03 2.20
N CYS A 23 3.02 2.57 1.30
CA CYS A 23 3.59 1.23 1.40
C CYS A 23 4.15 0.97 2.79
N SER A 24 3.49 0.09 3.54
CA SER A 24 3.94 -0.24 4.88
C SER A 24 4.70 -1.56 4.90
N ARG A 25 5.93 -1.52 5.40
CA ARG A 25 6.76 -2.71 5.46
C ARG A 25 6.47 -3.52 6.73
N LYS A 26 6.17 -2.81 7.82
CA LYS A 26 5.86 -3.45 9.09
C LYS A 26 4.74 -4.46 8.93
N HIS A 27 3.67 -4.06 8.23
CA HIS A 27 2.54 -4.94 8.00
C HIS A 27 2.70 -5.72 6.71
N GLY A 28 3.45 -5.16 5.77
CA GLY A 28 3.67 -5.83 4.50
C GLY A 28 2.63 -5.47 3.46
N TRP A 29 1.98 -4.33 3.64
CA TRP A 29 0.96 -3.87 2.72
C TRP A 29 0.71 -2.38 2.87
N CYS A 30 -0.12 -1.82 1.98
CA CYS A 30 -0.43 -0.39 2.02
C CYS A 30 -1.41 -0.09 3.16
N VAL A 31 -1.13 0.99 3.89
CA VAL A 31 -1.98 1.39 5.01
C VAL A 31 -2.33 2.86 4.91
N TRP A 32 -3.43 3.25 5.55
CA TRP A 32 -3.88 4.64 5.55
C TRP A 32 -2.76 5.58 5.95
N ASP A 33 -2.67 6.71 5.28
CA ASP A 33 -1.64 7.70 5.57
C ASP A 33 -1.90 8.39 6.91
N TRP A 34 -3.10 8.94 7.05
CA TRP A 34 -3.49 9.62 8.28
C TRP A 34 -3.29 8.72 9.49
N THR A 35 -3.54 7.43 9.32
CA THR A 35 -3.38 6.46 10.40
C THR A 35 -1.92 6.35 10.83
N VAL A 36 -1.03 6.27 9.84
CA VAL A 36 0.40 6.15 10.12
C VAL A 36 0.88 7.31 10.98
N GLY A 1 -2.31 -4.27 -14.35
CA GLY A 1 -1.51 -3.87 -13.20
C GLY A 1 -2.21 -2.86 -12.33
N ASP A 2 -3.48 -3.10 -12.03
CA ASP A 2 -4.27 -2.21 -11.20
C ASP A 2 -3.56 -1.93 -9.88
N CYS A 3 -3.84 -0.76 -9.30
CA CYS A 3 -3.22 -0.37 -8.03
C CYS A 3 -3.73 -1.26 -6.89
N HIS A 4 -3.01 -1.22 -5.77
CA HIS A 4 -3.39 -2.01 -4.60
C HIS A 4 -4.06 -1.14 -3.54
N LYS A 5 -5.33 -1.44 -3.26
CA LYS A 5 -6.09 -0.68 -2.27
C LYS A 5 -5.60 -0.99 -0.86
N PHE A 6 -6.32 -0.48 0.13
CA PHE A 6 -5.95 -0.69 1.53
C PHE A 6 -5.72 -2.18 1.81
N LEU A 7 -4.73 -2.47 2.64
CA LEU A 7 -4.41 -3.85 2.99
C LEU A 7 -4.01 -4.64 1.75
N GLY A 8 -3.34 -3.97 0.81
CA GLY A 8 -2.92 -4.64 -0.41
C GLY A 8 -1.42 -4.76 -0.51
N TRP A 9 -0.95 -5.92 -0.96
CA TRP A 9 0.49 -6.17 -1.10
C TRP A 9 1.15 -5.05 -1.91
N CYS A 10 2.38 -4.71 -1.53
CA CYS A 10 3.12 -3.67 -2.21
C CYS A 10 4.59 -4.05 -2.36
N ARG A 11 5.13 -4.73 -1.35
CA ARG A 11 6.52 -5.16 -1.36
C ARG A 11 6.83 -5.93 -2.63
N GLY A 12 7.65 -5.33 -3.50
CA GLY A 12 8.01 -5.98 -4.75
C GLY A 12 7.07 -5.63 -5.89
N GLU A 13 5.84 -5.28 -5.54
CA GLU A 13 4.84 -4.91 -6.55
C GLU A 13 5.41 -3.90 -7.54
N PRO A 14 4.85 -3.89 -8.76
CA PRO A 14 5.28 -2.99 -9.83
C PRO A 14 4.93 -1.54 -9.54
N ASP A 15 3.67 -1.31 -9.19
CA ASP A 15 3.19 0.04 -8.88
C ASP A 15 2.91 0.20 -7.39
N PRO A 16 2.94 1.45 -6.91
CA PRO A 16 2.70 1.76 -5.50
C PRO A 16 1.24 1.53 -5.10
N CYS A 17 0.87 2.06 -3.94
CA CYS A 17 -0.50 1.93 -3.45
C CYS A 17 -1.49 2.60 -4.40
N CYS A 18 -2.77 2.59 -4.01
CA CYS A 18 -3.81 3.20 -4.83
C CYS A 18 -3.87 4.71 -4.60
N GLU A 19 -4.42 5.11 -3.46
CA GLU A 19 -4.54 6.53 -3.12
C GLU A 19 -4.61 6.72 -1.61
N HIS A 20 -4.04 7.82 -1.13
CA HIS A 20 -4.04 8.13 0.29
C HIS A 20 -3.50 6.95 1.10
N LEU A 21 -2.57 6.20 0.51
CA LEU A 21 -1.97 5.05 1.17
C LEU A 21 -0.46 5.07 1.03
N SER A 22 0.23 4.52 2.02
CA SER A 22 1.69 4.46 2.00
C SER A 22 2.19 3.04 2.21
N CYS A 23 3.05 2.58 1.30
CA CYS A 23 3.60 1.24 1.38
C CYS A 23 4.18 0.96 2.78
N SER A 24 3.52 0.09 3.52
CA SER A 24 3.95 -0.26 4.87
C SER A 24 4.72 -1.59 4.86
N ARG A 25 5.95 -1.55 5.35
CA ARG A 25 6.78 -2.75 5.40
C ARG A 25 6.50 -3.55 6.67
N LYS A 26 6.23 -2.85 7.76
CA LYS A 26 5.94 -3.49 9.04
C LYS A 26 4.79 -4.48 8.90
N HIS A 27 3.73 -4.05 8.21
CA HIS A 27 2.57 -4.91 8.01
C HIS A 27 2.70 -5.71 6.71
N GLY A 28 3.45 -5.16 5.76
CA GLY A 28 3.63 -5.84 4.48
C GLY A 28 2.56 -5.48 3.47
N TRP A 29 1.93 -4.33 3.66
CA TRP A 29 0.89 -3.87 2.76
C TRP A 29 0.65 -2.37 2.92
N CYS A 30 -0.12 -1.80 2.00
CA CYS A 30 -0.43 -0.37 2.03
C CYS A 30 -1.39 -0.05 3.17
N VAL A 31 -1.10 1.02 3.90
CA VAL A 31 -1.94 1.44 5.03
C VAL A 31 -2.32 2.90 4.90
N TRP A 32 -3.45 3.26 5.50
CA TRP A 32 -3.92 4.65 5.46
C TRP A 32 -2.84 5.61 5.92
N ASP A 33 -2.74 6.75 5.25
CA ASP A 33 -1.73 7.74 5.60
C ASP A 33 -2.04 8.39 6.94
N TRP A 34 -3.25 8.92 7.07
CA TRP A 34 -3.68 9.56 8.32
C TRP A 34 -3.51 8.61 9.50
N THR A 35 -3.76 7.33 9.27
CA THR A 35 -3.65 6.33 10.31
C THR A 35 -2.19 6.04 10.63
N VAL A 36 -1.42 5.71 9.60
CA VAL A 36 0.00 5.40 9.77
C VAL A 36 0.85 6.18 8.77
N GLY A 1 -0.75 -2.20 -14.72
CA GLY A 1 -0.99 -2.92 -13.49
C GLY A 1 -1.97 -2.20 -12.58
N ASP A 2 -2.82 -2.98 -11.90
CA ASP A 2 -3.80 -2.40 -11.00
C ASP A 2 -3.17 -2.04 -9.65
N CYS A 3 -3.47 -0.85 -9.16
CA CYS A 3 -2.94 -0.39 -7.89
C CYS A 3 -3.45 -1.25 -6.73
N HIS A 4 -2.77 -1.14 -5.59
CA HIS A 4 -3.17 -1.91 -4.41
C HIS A 4 -3.91 -1.03 -3.41
N LYS A 5 -5.17 -1.36 -3.16
CA LYS A 5 -6.00 -0.60 -2.23
C LYS A 5 -5.53 -0.83 -0.79
N PHE A 6 -6.29 -0.30 0.17
CA PHE A 6 -5.95 -0.44 1.57
C PHE A 6 -5.70 -1.91 1.92
N LEU A 7 -4.70 -2.14 2.77
CA LEU A 7 -4.35 -3.50 3.19
C LEU A 7 -3.99 -4.36 1.98
N GLY A 8 -3.36 -3.74 0.98
CA GLY A 8 -2.96 -4.47 -0.21
C GLY A 8 -1.46 -4.67 -0.30
N TRP A 9 -1.04 -5.79 -0.86
CA TRP A 9 0.38 -6.10 -1.00
C TRP A 9 1.12 -4.95 -1.66
N CYS A 10 2.41 -4.86 -1.40
CA CYS A 10 3.24 -3.79 -1.97
C CYS A 10 4.69 -4.25 -2.10
N ARG A 11 5.18 -4.95 -1.08
CA ARG A 11 6.56 -5.44 -1.09
C ARG A 11 6.84 -6.24 -2.36
N GLY A 12 7.68 -5.68 -3.22
CA GLY A 12 8.03 -6.36 -4.47
C GLY A 12 6.98 -6.16 -5.55
N GLU A 13 6.24 -5.06 -5.45
CA GLU A 13 5.20 -4.75 -6.42
C GLU A 13 5.69 -3.75 -7.46
N PRO A 14 5.09 -3.78 -8.65
CA PRO A 14 5.45 -2.87 -9.75
C PRO A 14 5.04 -1.43 -9.48
N ASP A 15 3.78 -1.24 -9.10
CA ASP A 15 3.26 0.09 -8.81
C ASP A 15 2.97 0.24 -7.33
N PRO A 16 2.99 1.49 -6.84
CA PRO A 16 2.73 1.80 -5.43
C PRO A 16 1.27 1.58 -5.04
N CYS A 17 0.87 2.10 -3.89
CA CYS A 17 -0.50 1.96 -3.41
C CYS A 17 -1.49 2.57 -4.40
N CYS A 18 -2.75 2.67 -3.98
CA CYS A 18 -3.79 3.23 -4.83
C CYS A 18 -3.90 4.75 -4.61
N GLU A 19 -4.49 5.13 -3.49
CA GLU A 19 -4.66 6.55 -3.17
C GLU A 19 -4.79 6.75 -1.66
N HIS A 20 -4.21 7.84 -1.17
CA HIS A 20 -4.26 8.16 0.26
C HIS A 20 -3.76 6.98 1.09
N LEU A 21 -2.81 6.24 0.55
CA LEU A 21 -2.24 5.08 1.24
C LEU A 21 -0.71 5.09 1.17
N SER A 22 -0.08 4.52 2.18
CA SER A 22 1.37 4.47 2.24
C SER A 22 1.86 3.03 2.26
N CYS A 23 2.87 2.74 1.43
CA CYS A 23 3.43 1.40 1.36
C CYS A 23 4.11 1.01 2.67
N SER A 24 3.52 0.07 3.38
CA SER A 24 4.06 -0.38 4.67
C SER A 24 4.76 -1.72 4.50
N ARG A 25 6.05 -1.75 4.84
CA ARG A 25 6.85 -2.97 4.74
C ARG A 25 6.69 -3.83 5.99
N LYS A 26 6.54 -3.18 7.13
CA LYS A 26 6.38 -3.88 8.40
C LYS A 26 5.20 -4.84 8.34
N HIS A 27 4.08 -4.36 7.82
CA HIS A 27 2.87 -5.19 7.70
C HIS A 27 2.87 -5.96 6.39
N GLY A 28 3.53 -5.40 5.38
CA GLY A 28 3.60 -6.06 4.08
C GLY A 28 2.48 -5.62 3.16
N TRP A 29 1.92 -4.44 3.43
CA TRP A 29 0.83 -3.91 2.61
C TRP A 29 0.68 -2.41 2.83
N CYS A 30 -0.18 -1.79 2.04
CA CYS A 30 -0.42 -0.35 2.13
C CYS A 30 -1.35 -0.03 3.30
N VAL A 31 -1.09 1.09 3.97
CA VAL A 31 -1.90 1.51 5.11
C VAL A 31 -2.35 2.96 4.96
N TRP A 32 -3.47 3.29 5.59
CA TRP A 32 -4.00 4.64 5.53
C TRP A 32 -2.94 5.66 5.90
N ASP A 33 -3.01 6.84 5.29
CA ASP A 33 -2.04 7.90 5.56
C ASP A 33 -2.41 8.65 6.84
N TRP A 34 -3.66 9.08 6.94
CA TRP A 34 -4.13 9.81 8.11
C TRP A 34 -3.81 9.04 9.39
N THR A 35 -3.75 7.72 9.28
CA THR A 35 -3.46 6.87 10.43
C THR A 35 -1.96 6.88 10.75
N VAL A 36 -1.43 8.07 11.00
CA VAL A 36 -0.01 8.21 11.32
C VAL A 36 0.17 8.92 12.66
N GLY A 1 -1.04 -2.68 -14.48
CA GLY A 1 -2.14 -3.32 -13.78
C GLY A 1 -2.87 -2.37 -12.85
N ASP A 2 -3.76 -2.92 -12.03
CA ASP A 2 -4.53 -2.13 -11.08
C ASP A 2 -3.71 -1.83 -9.82
N CYS A 3 -4.01 -0.70 -9.18
CA CYS A 3 -3.30 -0.31 -7.97
C CYS A 3 -3.73 -1.17 -6.78
N HIS A 4 -2.98 -1.06 -5.69
CA HIS A 4 -3.29 -1.83 -4.48
C HIS A 4 -3.97 -0.96 -3.44
N LYS A 5 -5.21 -1.30 -3.12
CA LYS A 5 -5.99 -0.55 -2.13
C LYS A 5 -5.48 -0.84 -0.71
N PHE A 6 -6.14 -0.25 0.28
CA PHE A 6 -5.76 -0.44 1.67
C PHE A 6 -5.60 -1.92 1.99
N LEU A 7 -4.63 -2.23 2.84
CA LEU A 7 -4.36 -3.61 3.24
C LEU A 7 -4.05 -4.47 2.02
N GLY A 8 -3.21 -3.94 1.13
CA GLY A 8 -2.84 -4.68 -0.06
C GLY A 8 -1.34 -4.79 -0.24
N TRP A 9 -0.88 -5.93 -0.74
CA TRP A 9 0.54 -6.16 -0.95
C TRP A 9 1.15 -5.01 -1.76
N CYS A 10 2.42 -4.71 -1.48
CA CYS A 10 3.13 -3.65 -2.19
C CYS A 10 4.58 -4.02 -2.41
N ARG A 11 5.21 -4.62 -1.39
CA ARG A 11 6.60 -5.02 -1.48
C ARG A 11 6.84 -5.89 -2.72
N GLY A 12 7.57 -5.35 -3.69
CA GLY A 12 7.85 -6.08 -4.90
C GLY A 12 6.91 -5.72 -6.04
N GLU A 13 5.69 -5.31 -5.68
CA GLU A 13 4.68 -4.94 -6.67
C GLU A 13 5.27 -3.96 -7.70
N PRO A 14 4.69 -3.96 -8.89
CA PRO A 14 5.12 -3.08 -9.99
C PRO A 14 4.80 -1.61 -9.72
N ASP A 15 3.55 -1.36 -9.34
CA ASP A 15 3.10 0.00 -9.05
C ASP A 15 2.87 0.19 -7.56
N PRO A 16 2.90 1.45 -7.11
CA PRO A 16 2.70 1.79 -5.69
C PRO A 16 1.25 1.57 -5.26
N CYS A 17 0.91 2.11 -4.09
CA CYS A 17 -0.44 1.98 -3.55
C CYS A 17 -1.47 2.61 -4.49
N CYS A 18 -2.70 2.73 -4.02
CA CYS A 18 -3.77 3.32 -4.81
C CYS A 18 -3.82 4.83 -4.62
N GLU A 19 -4.32 5.26 -3.46
CA GLU A 19 -4.43 6.68 -3.13
C GLU A 19 -4.44 6.91 -1.63
N HIS A 20 -3.75 7.95 -1.19
CA HIS A 20 -3.69 8.28 0.23
C HIS A 20 -3.22 7.07 1.04
N LEU A 21 -2.33 6.28 0.46
CA LEU A 21 -1.81 5.09 1.12
C LEU A 21 -0.29 5.01 0.98
N SER A 22 0.36 4.38 1.96
CA SER A 22 1.81 4.24 1.94
C SER A 22 2.23 2.80 2.24
N CYS A 23 3.00 2.21 1.33
CA CYS A 23 3.46 0.84 1.50
C CYS A 23 4.15 0.66 2.84
N SER A 24 3.52 -0.10 3.73
CA SER A 24 4.07 -0.34 5.06
C SER A 24 4.79 -1.69 5.10
N ARG A 25 6.07 -1.66 5.46
CA ARG A 25 6.87 -2.87 5.55
C ARG A 25 6.55 -3.66 6.81
N LYS A 26 6.24 -2.93 7.89
CA LYS A 26 5.91 -3.55 9.16
C LYS A 26 4.81 -4.58 9.00
N HIS A 27 3.79 -4.24 8.20
CA HIS A 27 2.67 -5.14 7.95
C HIS A 27 2.85 -5.87 6.62
N GLY A 28 3.56 -5.24 5.69
CA GLY A 28 3.78 -5.84 4.39
C GLY A 28 2.72 -5.45 3.38
N TRP A 29 2.06 -4.32 3.62
CA TRP A 29 1.01 -3.85 2.72
C TRP A 29 0.75 -2.36 2.94
N CYS A 30 0.14 -1.72 1.95
CA CYS A 30 -0.17 -0.30 2.03
C CYS A 30 -1.14 -0.02 3.17
N VAL A 31 -0.94 1.11 3.85
CA VAL A 31 -1.80 1.49 4.97
C VAL A 31 -2.29 2.93 4.81
N TRP A 32 -3.44 3.23 5.41
CA TRP A 32 -4.01 4.56 5.34
C TRP A 32 -2.98 5.62 5.75
N ASP A 33 -3.07 6.80 5.13
CA ASP A 33 -2.14 7.89 5.43
C ASP A 33 -2.53 8.57 6.74
N TRP A 34 -3.81 8.52 7.08
CA TRP A 34 -4.31 9.13 8.30
C TRP A 34 -4.29 8.13 9.46
N THR A 35 -3.51 7.06 9.30
CA THR A 35 -3.41 6.04 10.33
C THR A 35 -1.95 5.75 10.68
N VAL A 36 -1.31 6.70 11.36
CA VAL A 36 0.09 6.53 11.74
C VAL A 36 0.31 7.00 13.18
N GLY A 1 -2.39 -5.76 -11.92
CA GLY A 1 -2.88 -4.81 -12.90
C GLY A 1 -3.26 -3.47 -12.27
N ASP A 2 -4.36 -3.46 -11.53
CA ASP A 2 -4.82 -2.23 -10.88
C ASP A 2 -4.01 -1.96 -9.62
N CYS A 3 -4.07 -0.71 -9.15
CA CYS A 3 -3.35 -0.31 -7.95
C CYS A 3 -3.76 -1.16 -6.76
N HIS A 4 -3.01 -1.05 -5.66
CA HIS A 4 -3.29 -1.82 -4.45
C HIS A 4 -3.98 -0.93 -3.41
N LYS A 5 -5.21 -1.27 -3.08
CA LYS A 5 -5.97 -0.52 -2.08
C LYS A 5 -5.48 -0.82 -0.68
N PHE A 6 -6.13 -0.23 0.31
CA PHE A 6 -5.75 -0.42 1.71
C PHE A 6 -5.58 -1.90 2.02
N LEU A 7 -4.62 -2.22 2.88
CA LEU A 7 -4.36 -3.60 3.26
C LEU A 7 -4.04 -4.45 2.04
N GLY A 8 -3.21 -3.93 1.15
CA GLY A 8 -2.84 -4.66 -0.05
C GLY A 8 -1.34 -4.77 -0.22
N TRP A 9 -0.89 -5.91 -0.74
CA TRP A 9 0.53 -6.15 -0.96
C TRP A 9 1.15 -5.01 -1.76
N CYS A 10 2.42 -4.71 -1.48
CA CYS A 10 3.12 -3.65 -2.19
C CYS A 10 4.58 -4.03 -2.42
N ARG A 11 5.20 -4.64 -1.41
CA ARG A 11 6.59 -5.05 -1.50
C ARG A 11 6.83 -5.91 -2.74
N GLY A 12 7.56 -5.37 -3.71
CA GLY A 12 7.84 -6.09 -4.92
C GLY A 12 6.89 -5.73 -6.05
N GLU A 13 5.68 -5.31 -5.69
CA GLU A 13 4.68 -4.94 -6.68
C GLU A 13 5.26 -3.96 -7.70
N PRO A 14 4.68 -3.94 -8.91
CA PRO A 14 5.12 -3.06 -9.99
C PRO A 14 4.80 -1.60 -9.71
N ASP A 15 3.55 -1.33 -9.34
CA ASP A 15 3.11 0.02 -9.04
C ASP A 15 2.87 0.20 -7.54
N PRO A 16 2.91 1.47 -7.09
CA PRO A 16 2.70 1.80 -5.67
C PRO A 16 1.26 1.58 -5.24
N CYS A 17 0.91 2.11 -4.07
CA CYS A 17 -0.44 1.98 -3.54
C CYS A 17 -1.47 2.62 -4.47
N CYS A 18 -2.70 2.74 -4.00
CA CYS A 18 -3.77 3.33 -4.80
C CYS A 18 -3.81 4.84 -4.61
N GLU A 19 -4.31 5.28 -3.45
CA GLU A 19 -4.41 6.70 -3.15
C GLU A 19 -4.40 6.94 -1.64
N HIS A 20 -3.67 7.97 -1.22
CA HIS A 20 -3.57 8.30 0.20
C HIS A 20 -3.13 7.10 1.02
N LEU A 21 -2.26 6.28 0.43
CA LEU A 21 -1.76 5.08 1.10
C LEU A 21 -0.24 4.97 0.95
N SER A 22 0.40 4.41 1.96
CA SER A 22 1.86 4.25 1.94
C SER A 22 2.24 2.80 2.25
N CYS A 23 3.02 2.21 1.34
CA CYS A 23 3.46 0.83 1.50
C CYS A 23 4.14 0.63 2.85
N SER A 24 3.49 -0.12 3.73
CA SER A 24 4.02 -0.39 5.05
C SER A 24 4.76 -1.72 5.09
N ARG A 25 6.04 -1.68 5.44
CA ARG A 25 6.85 -2.89 5.50
C ARG A 25 6.56 -3.68 6.78
N LYS A 26 6.28 -2.95 7.86
CA LYS A 26 5.99 -3.58 9.14
C LYS A 26 4.87 -4.61 8.99
N HIS A 27 3.86 -4.28 8.18
CA HIS A 27 2.74 -5.18 7.96
C HIS A 27 2.89 -5.92 6.63
N GLY A 28 3.59 -5.29 5.69
CA GLY A 28 3.79 -5.90 4.39
C GLY A 28 2.74 -5.49 3.38
N TRP A 29 2.09 -4.36 3.63
CA TRP A 29 1.05 -3.85 2.74
C TRP A 29 0.81 -2.37 2.96
N CYS A 30 0.15 -1.73 2.00
CA CYS A 30 -0.14 -0.30 2.09
C CYS A 30 -1.13 -0.02 3.22
N VAL A 31 -0.94 1.12 3.89
CA VAL A 31 -1.80 1.51 4.99
C VAL A 31 -2.30 2.94 4.82
N TRP A 32 -3.47 3.22 5.40
CA TRP A 32 -4.07 4.55 5.30
C TRP A 32 -3.06 5.62 5.71
N ASP A 33 -3.15 6.79 5.08
CA ASP A 33 -2.25 7.90 5.38
C ASP A 33 -2.65 8.58 6.68
N TRP A 34 -3.93 8.52 7.01
CA TRP A 34 -4.44 9.13 8.23
C TRP A 34 -4.41 8.14 9.40
N THR A 35 -3.61 7.09 9.25
CA THR A 35 -3.49 6.07 10.29
C THR A 35 -2.04 5.87 10.70
N VAL A 36 -1.14 5.96 9.73
CA VAL A 36 0.29 5.79 9.99
C VAL A 36 0.75 6.71 11.11
N GLY A 1 -3.65 -2.88 -15.21
CA GLY A 1 -2.82 -2.63 -14.04
C GLY A 1 -3.60 -1.99 -12.90
N ASP A 2 -4.19 -2.83 -12.06
CA ASP A 2 -4.97 -2.34 -10.91
C ASP A 2 -4.06 -2.03 -9.73
N CYS A 3 -4.28 -0.86 -9.12
CA CYS A 3 -3.48 -0.44 -7.98
C CYS A 3 -3.85 -1.26 -6.74
N HIS A 4 -3.04 -1.13 -5.68
CA HIS A 4 -3.28 -1.85 -4.44
C HIS A 4 -3.90 -0.93 -3.40
N LYS A 5 -5.11 -1.25 -2.99
CA LYS A 5 -5.82 -0.45 -1.99
C LYS A 5 -5.33 -0.78 -0.58
N PHE A 6 -6.04 -0.28 0.42
CA PHE A 6 -5.68 -0.52 1.82
C PHE A 6 -5.51 -2.01 2.08
N LEU A 7 -4.50 -2.35 2.87
CA LEU A 7 -4.22 -3.75 3.21
C LEU A 7 -3.89 -4.55 1.95
N GLY A 8 -3.23 -3.90 0.99
CA GLY A 8 -2.87 -4.57 -0.24
C GLY A 8 -1.37 -4.73 -0.39
N TRP A 9 -0.94 -5.90 -0.86
CA TRP A 9 0.47 -6.18 -1.04
C TRP A 9 1.13 -5.10 -1.89
N CYS A 10 2.37 -4.75 -1.54
CA CYS A 10 3.11 -3.72 -2.27
C CYS A 10 4.55 -4.16 -2.50
N ARG A 11 5.12 -4.83 -1.50
CA ARG A 11 6.50 -5.30 -1.59
C ARG A 11 6.72 -6.09 -2.87
N GLY A 12 7.54 -5.53 -3.78
CA GLY A 12 7.82 -6.19 -5.04
C GLY A 12 6.90 -5.74 -6.15
N GLU A 13 5.68 -5.35 -5.78
CA GLU A 13 4.69 -4.90 -6.76
C GLU A 13 5.31 -3.89 -7.72
N PRO A 14 4.76 -3.82 -8.94
CA PRO A 14 5.24 -2.90 -9.97
C PRO A 14 4.92 -1.44 -9.65
N ASP A 15 3.67 -1.18 -9.30
CA ASP A 15 3.23 0.16 -8.96
C ASP A 15 2.96 0.29 -7.46
N PRO A 16 2.99 1.53 -6.96
CA PRO A 16 2.75 1.81 -5.54
C PRO A 16 1.30 1.59 -5.14
N CYS A 17 0.93 2.09 -3.97
CA CYS A 17 -0.43 1.95 -3.47
C CYS A 17 -1.43 2.61 -4.42
N CYS A 18 -2.69 2.65 -4.00
CA CYS A 18 -3.74 3.26 -4.80
C CYS A 18 -3.75 4.78 -4.65
N GLU A 19 -4.24 5.24 -3.50
CA GLU A 19 -4.30 6.67 -3.23
C GLU A 19 -4.34 6.93 -1.72
N HIS A 20 -3.64 7.97 -1.28
CA HIS A 20 -3.59 8.33 0.13
C HIS A 20 -3.17 7.14 0.98
N LEU A 21 -2.29 6.31 0.42
CA LEU A 21 -1.81 5.13 1.13
C LEU A 21 -0.29 5.02 1.03
N SER A 22 0.33 4.42 2.04
CA SER A 22 1.78 4.26 2.06
C SER A 22 2.15 2.79 2.31
N CYS A 23 2.96 2.24 1.42
CA CYS A 23 3.40 0.85 1.54
C CYS A 23 4.08 0.61 2.88
N SER A 24 3.42 -0.15 3.75
CA SER A 24 3.98 -0.46 5.06
C SER A 24 4.73 -1.78 5.04
N ARG A 25 6.03 -1.72 5.34
CA ARG A 25 6.87 -2.90 5.35
C ARG A 25 6.65 -3.71 6.63
N LYS A 26 6.40 -3.01 7.73
CA LYS A 26 6.16 -3.67 9.02
C LYS A 26 5.03 -4.68 8.92
N HIS A 27 3.96 -4.30 8.22
CA HIS A 27 2.81 -5.18 8.05
C HIS A 27 2.90 -5.92 6.72
N GLY A 28 3.56 -5.31 5.74
CA GLY A 28 3.69 -5.93 4.44
C GLY A 28 2.60 -5.51 3.48
N TRP A 29 1.99 -4.36 3.74
CA TRP A 29 0.92 -3.86 2.90
C TRP A 29 0.72 -2.36 3.11
N CYS A 30 0.03 -1.73 2.17
CA CYS A 30 -0.23 -0.29 2.25
C CYS A 30 -1.19 0.02 3.40
N VAL A 31 -1.03 1.19 4.01
CA VAL A 31 -1.87 1.60 5.12
C VAL A 31 -2.39 3.01 4.91
N TRP A 32 -3.54 3.32 5.51
CA TRP A 32 -4.14 4.64 5.40
C TRP A 32 -3.12 5.73 5.75
N ASP A 33 -3.22 6.87 5.07
CA ASP A 33 -2.32 7.99 5.32
C ASP A 33 -2.71 8.74 6.59
N TRP A 34 -4.00 8.69 6.93
CA TRP A 34 -4.50 9.36 8.12
C TRP A 34 -4.47 8.42 9.33
N THR A 35 -3.68 7.37 9.23
CA THR A 35 -3.56 6.39 10.31
C THR A 35 -2.09 6.14 10.67
N VAL A 36 -1.26 6.03 9.64
CA VAL A 36 0.16 5.79 9.85
C VAL A 36 0.81 6.93 10.65
#